data_1VL4
#
_entry.id   1VL4
#
_cell.length_a   80.367
_cell.length_b   106.637
_cell.length_c   120.382
_cell.angle_alpha   90.00
_cell.angle_beta   90.00
_cell.angle_gamma   90.00
#
_symmetry.space_group_name_H-M   'P 21 21 21'
#
loop_
_entity.id
_entity.type
_entity.pdbx_description
1 polymer 'pmbA-related protein'
2 water water
#
_entity_poly.entity_id   1
_entity_poly.type   'polypeptide(L)'
_entity_poly.pdbx_seq_one_letter_code
;MGSDKIHHHHHHMTFEEFKDRLFALAKKNGVEVQISFLETREFSLRLANGDLDQYTDAGKFNVEIKVLKDGKTGTFRTQV
LENPEKCFEEALSNLQVKDSEEKEYFFEGGKEYREMETYVGRFEKLSVKEKMDMAKKAHESAAKDERVVMVPTVMYKDMV
IKKIITNTLGLDVESQMDGGFLFAMAIARDANPRSGSWYELARTPEDLNPEEIGKRAAEEAISLIGSKTIPSGKYPVLMR
NTALLDLMEMFIPMISAENVQKNLSPLKGKLGEQVGNPAVSIKDLPYHPKGLSSTPFDDEGVPTTEKFVLENGVLKTFLH
NLKTARKEGVEPTGNGFVGGIRPVNLMLMPGEKSFEELLKEMDRGVVITEVEGMHAGANSISGEFSLFAKGYWVENGEIA
HGVEDITISGNFLDLLRKIVLVGNDVKVSQHTIAPSVLVEVLDVAGK
;
_entity_poly.pdbx_strand_id   A,B
#
# COMPACT_ATOMS: atom_id res chain seq x y z
C MET A 13 26.07 -19.07 11.54
N THR A 14 25.03 -19.57 10.88
CA THR A 14 24.97 -19.48 9.44
C THR A 14 24.97 -18.01 8.96
N PHE A 15 24.58 -17.00 9.75
CA PHE A 15 24.75 -15.62 9.21
C PHE A 15 26.24 -15.31 9.02
N GLU A 16 27.07 -15.62 10.01
CA GLU A 16 28.51 -15.49 9.88
C GLU A 16 29.10 -16.32 8.75
N GLU A 17 28.62 -17.55 8.60
CA GLU A 17 29.12 -18.44 7.57
C GLU A 17 28.72 -17.91 6.19
N PHE A 18 27.48 -17.46 6.10
CA PHE A 18 26.91 -16.92 4.89
C PHE A 18 27.72 -15.67 4.50
N LYS A 19 27.87 -14.73 5.42
CA LYS A 19 28.76 -13.55 5.26
C LYS A 19 30.16 -13.89 4.80
N ASP A 20 30.76 -14.87 5.45
CA ASP A 20 32.12 -15.27 5.16
C ASP A 20 32.24 -15.83 3.76
N ARG A 21 31.28 -16.67 3.36
CA ARG A 21 31.33 -17.25 2.02
C ARG A 21 31.26 -16.13 1.00
N LEU A 22 30.30 -15.22 1.19
CA LEU A 22 30.10 -14.08 0.29
C LEU A 22 31.31 -13.16 0.19
N PHE A 23 31.92 -12.80 1.33
CA PHE A 23 33.15 -12.00 1.29
C PHE A 23 34.31 -12.68 0.56
N ALA A 24 34.46 -13.98 0.75
CA ALA A 24 35.48 -14.73 0.02
C ALA A 24 35.21 -14.72 -1.51
N LEU A 25 33.94 -14.93 -1.89
CA LEU A 25 33.56 -14.81 -3.30
C LEU A 25 33.86 -13.45 -3.87
N ALA A 26 33.60 -12.40 -3.11
CA ALA A 26 33.84 -11.03 -3.57
C ALA A 26 35.29 -10.82 -3.93
N LYS A 27 36.16 -11.15 -2.99
CA LYS A 27 37.61 -11.04 -3.19
C LYS A 27 38.04 -11.82 -4.41
N LYS A 28 37.53 -13.05 -4.54
CA LYS A 28 37.86 -13.89 -5.70
C LYS A 28 37.47 -13.22 -7.01
N ASN A 29 36.38 -12.45 -7.02
CA ASN A 29 35.87 -11.88 -8.28
C ASN A 29 36.22 -10.40 -8.55
N GLY A 30 37.01 -9.80 -7.68
CA GLY A 30 37.39 -8.39 -7.85
C GLY A 30 36.20 -7.42 -7.70
N VAL A 31 35.27 -7.74 -6.82
CA VAL A 31 34.18 -6.83 -6.47
C VAL A 31 34.10 -6.61 -4.97
N GLU A 32 33.35 -5.60 -4.55
CA GLU A 32 33.03 -5.44 -3.15
C GLU A 32 31.65 -6.06 -2.97
N VAL A 33 31.35 -6.49 -1.75
CA VAL A 33 29.99 -6.93 -1.41
C VAL A 33 29.55 -6.31 -0.09
N GLN A 34 28.25 -6.02 -0.04
CA GLN A 34 27.57 -5.53 1.13
C GLN A 34 26.33 -6.36 1.40
N ILE A 35 26.16 -6.71 2.67
CA ILE A 35 25.08 -7.54 3.13
C ILE A 35 24.30 -6.79 4.20
N SER A 36 23.00 -6.63 3.96
CA SER A 36 22.12 -5.99 4.90
C SER A 36 21.10 -7.06 5.37
N PHE A 37 20.94 -7.13 6.68
CA PHE A 37 20.14 -8.13 7.35
C PHE A 37 19.10 -7.38 8.21
N LEU A 38 17.84 -7.81 8.11
CA LEU A 38 16.74 -7.21 8.82
C LEU A 38 15.93 -8.36 9.38
N GLU A 39 15.71 -8.40 10.67
CA GLU A 39 14.88 -9.46 11.29
C GLU A 39 13.95 -8.76 12.24
N THR A 40 12.67 -9.06 12.10
CA THR A 40 11.56 -8.44 12.80
C THR A 40 10.61 -9.47 13.42
N ARG A 41 10.06 -9.10 14.56
CA ARG A 41 9.06 -9.86 15.24
C ARG A 41 8.01 -8.85 15.65
N GLU A 42 6.76 -9.12 15.34
CA GLU A 42 5.71 -8.17 15.60
C GLU A 42 4.43 -8.83 16.05
N PHE A 43 3.70 -8.11 16.90
CA PHE A 43 2.45 -8.55 17.33
C PHE A 43 1.50 -7.37 17.27
N SER A 44 0.36 -7.57 16.64
CA SER A 44 -0.64 -6.53 16.61
C SER A 44 -2.01 -7.10 16.82
N LEU A 45 -2.91 -6.28 17.34
CA LEU A 45 -4.28 -6.60 17.44
C LEU A 45 -5.21 -5.39 17.30
N ARG A 46 -6.39 -5.68 16.74
CA ARG A 46 -7.44 -4.66 16.52
C ARG A 46 -8.76 -5.14 17.03
N LEU A 47 -9.38 -4.30 17.85
CA LEU A 47 -10.76 -4.46 18.26
C LEU A 47 -11.63 -3.56 17.39
N ALA A 48 -12.74 -4.11 16.94
CA ALA A 48 -13.70 -3.44 16.12
C ALA A 48 -14.99 -3.38 16.95
N ASN A 49 -15.39 -2.19 17.34
CA ASN A 49 -16.50 -2.04 18.29
C ASN A 49 -16.39 -3.01 19.48
N GLY A 50 -15.20 -3.09 20.07
CA GLY A 50 -15.01 -3.92 21.24
C GLY A 50 -14.65 -5.38 20.97
N ASP A 51 -14.97 -5.90 19.80
CA ASP A 51 -14.66 -7.27 19.51
C ASP A 51 -13.30 -7.44 18.87
N LEU A 52 -12.51 -8.34 19.44
CA LEU A 52 -11.21 -8.68 18.89
C LEU A 52 -11.40 -9.38 17.59
N ASP A 53 -11.20 -8.65 16.49
CA ASP A 53 -11.58 -9.13 15.16
C ASP A 53 -10.39 -9.50 14.30
N GLN A 54 -9.17 -9.21 14.73
CA GLN A 54 -8.01 -9.30 13.85
C GLN A 54 -6.69 -9.21 14.64
N TYR A 55 -5.70 -10.03 14.31
CA TYR A 55 -4.39 -9.92 14.98
C TYR A 55 -3.39 -10.50 14.08
N THR A 56 -2.15 -10.16 14.31
CA THR A 56 -1.04 -10.76 13.59
C THR A 56 0.04 -11.06 14.62
N ASP A 57 0.66 -12.20 14.46
CA ASP A 57 1.85 -12.57 15.22
C ASP A 57 2.82 -13.12 14.21
N ALA A 58 3.85 -12.37 13.89
CA ALA A 58 4.75 -12.78 12.77
C ALA A 58 6.19 -12.49 13.00
N GLY A 59 7.03 -13.38 12.49
CA GLY A 59 8.44 -13.11 12.39
C GLY A 59 8.89 -13.10 10.92
N LYS A 60 9.77 -12.13 10.60
CA LYS A 60 10.19 -11.86 9.22
C LYS A 60 11.70 -11.72 9.17
N PHE A 61 12.28 -11.96 8.01
CA PHE A 61 13.71 -11.97 7.84
C PHE A 61 14.00 -11.66 6.37
N ASN A 62 14.81 -10.63 6.12
CA ASN A 62 15.21 -10.25 4.76
C ASN A 62 16.74 -10.08 4.70
N VAL A 63 17.40 -10.66 3.71
CA VAL A 63 18.82 -10.39 3.47
C VAL A 63 18.99 -9.79 2.06
N GLU A 64 19.61 -8.63 1.97
CA GLU A 64 19.97 -8.01 0.71
C GLU A 64 21.46 -8.20 0.49
N ILE A 65 21.81 -8.71 -0.68
CA ILE A 65 23.20 -8.91 -1.10
C ILE A 65 23.47 -7.93 -2.26
N LYS A 66 24.38 -6.98 -2.03
CA LYS A 66 24.70 -6.01 -3.08
C LYS A 66 26.19 -6.07 -3.43
N VAL A 67 26.48 -6.24 -4.72
N VAL A 67 26.49 -6.34 -4.71
CA VAL A 67 27.87 -6.32 -5.22
CA VAL A 67 27.88 -6.27 -5.19
C VAL A 67 28.20 -5.05 -6.01
C VAL A 67 28.13 -4.88 -5.76
N LEU A 68 29.41 -4.51 -5.77
CA LEU A 68 29.86 -3.20 -6.32
C LEU A 68 31.07 -3.47 -7.19
N LYS A 69 30.99 -3.12 -8.46
CA LYS A 69 32.12 -3.23 -9.38
C LYS A 69 32.16 -2.01 -10.29
N ASP A 70 33.24 -1.23 -10.21
CA ASP A 70 33.49 -0.07 -11.07
C ASP A 70 32.35 0.91 -10.93
N GLY A 71 31.89 1.07 -9.70
CA GLY A 71 30.85 2.01 -9.39
C GLY A 71 29.43 1.59 -9.75
N LYS A 72 29.28 0.40 -10.33
CA LYS A 72 27.98 -0.17 -10.65
C LYS A 72 27.64 -1.19 -9.57
N THR A 73 26.34 -1.24 -9.19
CA THR A 73 25.80 -2.28 -8.27
C THR A 73 24.87 -3.33 -8.92
N GLY A 74 24.84 -4.50 -8.28
CA GLY A 74 23.97 -5.63 -8.67
C GLY A 74 23.42 -6.11 -7.34
N THR A 75 22.10 -6.33 -7.24
N THR A 75 22.12 -6.39 -7.31
CA THR A 75 21.46 -6.61 -5.94
CA THR A 75 21.49 -6.80 -6.07
C THR A 75 20.48 -7.80 -6.02
C THR A 75 20.73 -8.11 -6.20
N PHE A 76 20.54 -8.74 -5.05
CA PHE A 76 19.59 -9.89 -4.92
C PHE A 76 19.09 -9.91 -3.47
N ARG A 77 17.77 -10.04 -3.30
CA ARG A 77 17.14 -10.10 -1.98
C ARG A 77 16.61 -11.51 -1.77
N THR A 78 16.82 -12.01 -0.56
CA THR A 78 16.45 -13.40 -0.21
C THR A 78 15.90 -13.36 1.23
N GLN A 79 14.92 -14.21 1.51
CA GLN A 79 14.39 -14.42 2.86
C GLN A 79 14.90 -15.79 3.35
N VAL A 80 15.92 -16.35 2.71
CA VAL A 80 16.50 -17.64 3.11
C VAL A 80 18.03 -17.58 3.12
N LEU A 81 18.65 -17.96 4.24
CA LEU A 81 20.11 -17.93 4.35
C LEU A 81 20.68 -19.15 3.77
N GLU A 82 20.53 -19.32 2.46
CA GLU A 82 21.08 -20.50 1.80
C GLU A 82 21.76 -20.13 0.48
N ASN A 83 22.68 -21.00 0.07
CA ASN A 83 23.33 -20.97 -1.22
C ASN A 83 23.94 -19.58 -1.45
N PRO A 84 24.97 -19.25 -0.67
CA PRO A 84 25.59 -17.93 -0.90
C PRO A 84 26.18 -17.78 -2.30
N GLU A 85 26.69 -18.84 -2.90
CA GLU A 85 27.32 -18.67 -4.19
C GLU A 85 26.26 -18.39 -5.26
N LYS A 86 25.11 -19.05 -5.20
CA LYS A 86 23.99 -18.72 -6.09
C LYS A 86 23.50 -17.31 -5.89
N CYS A 87 23.32 -16.90 -4.64
CA CYS A 87 22.98 -15.52 -4.31
C CYS A 87 23.97 -14.49 -4.87
N PHE A 88 25.26 -14.76 -4.68
CA PHE A 88 26.30 -13.89 -5.17
C PHE A 88 26.26 -13.82 -6.70
N GLU A 89 26.18 -14.98 -7.34
CA GLU A 89 26.16 -15.03 -8.78
C GLU A 89 24.93 -14.29 -9.37
N GLU A 90 23.82 -14.34 -8.66
CA GLU A 90 22.61 -13.62 -9.05
C GLU A 90 22.85 -12.11 -8.97
N ALA A 91 23.44 -11.65 -7.88
CA ALA A 91 23.72 -10.20 -7.70
C ALA A 91 24.72 -9.74 -8.76
N LEU A 92 25.71 -10.56 -9.02
CA LEU A 92 26.74 -10.22 -9.99
C LEU A 92 26.10 -10.07 -11.37
N SER A 93 25.20 -11.00 -11.71
CA SER A 93 24.57 -10.94 -12.98
C SER A 93 23.74 -9.65 -13.15
N ASN A 94 23.16 -9.13 -12.09
CA ASN A 94 22.44 -7.89 -12.17
C ASN A 94 23.28 -6.62 -12.33
N LEU A 95 24.60 -6.75 -12.28
CA LEU A 95 25.47 -5.58 -12.56
C LEU A 95 25.21 -5.00 -13.95
N GLN A 96 24.87 -5.83 -14.91
CA GLN A 96 24.55 -5.37 -16.26
C GLN A 96 23.22 -4.59 -16.44
N VAL A 97 22.39 -4.51 -15.41
CA VAL A 97 21.07 -3.86 -15.52
C VAL A 97 21.30 -2.33 -15.52
N LYS A 98 22.05 -1.89 -16.55
CA LYS A 98 22.89 -0.63 -16.56
C LYS A 98 24.34 -0.94 -16.09
N LYS A 103 30.23 6.07 -10.15
CA LYS A 103 28.93 6.48 -9.60
C LYS A 103 28.73 5.98 -8.17
N GLU A 104 28.31 4.73 -7.97
CA GLU A 104 27.94 4.26 -6.60
C GLU A 104 29.15 3.92 -5.73
N TYR A 105 28.95 4.00 -4.43
CA TYR A 105 29.93 3.43 -3.52
C TYR A 105 29.39 2.98 -2.17
N PHE A 106 30.22 2.19 -1.49
CA PHE A 106 29.94 1.72 -0.15
C PHE A 106 30.70 2.57 0.87
N PHE A 107 30.17 2.58 2.08
CA PHE A 107 30.74 3.21 3.22
C PHE A 107 31.73 2.28 3.94
N GLU A 108 32.87 2.84 4.30
CA GLU A 108 33.93 2.10 4.97
C GLU A 108 33.71 1.94 6.46
N GLY A 109 34.36 0.94 7.05
CA GLY A 109 34.33 0.72 8.48
C GLY A 109 35.14 1.78 9.21
N GLY A 110 35.02 1.77 10.53
CA GLY A 110 35.88 2.59 11.39
C GLY A 110 35.31 3.87 11.99
N LYS A 111 34.12 4.30 11.60
CA LYS A 111 33.53 5.51 12.16
C LYS A 111 32.93 5.28 13.53
N GLU A 112 32.66 6.37 14.26
CA GLU A 112 31.92 6.32 15.53
C GLU A 112 30.42 6.63 15.29
N TYR A 113 29.60 5.97 16.12
CA TYR A 113 28.18 5.95 16.02
C TYR A 113 27.70 6.35 17.38
N ARG A 114 26.58 7.09 17.42
CA ARG A 114 25.96 7.49 18.69
C ARG A 114 25.37 6.27 19.35
N GLU A 115 25.64 6.13 20.63
CA GLU A 115 25.01 5.14 21.51
C GLU A 115 23.63 5.60 21.93
N MET A 116 22.62 4.76 21.71
CA MET A 116 21.22 5.12 22.02
C MET A 116 20.44 3.89 22.48
N GLU A 117 19.52 4.11 23.43
CA GLU A 117 18.74 3.04 24.05
C GLU A 117 17.46 2.81 23.27
N THR A 118 17.59 2.15 22.13
CA THR A 118 16.50 1.91 21.21
C THR A 118 15.87 0.55 21.50
N TYR A 119 16.53 -0.27 22.31
CA TYR A 119 15.99 -1.60 22.60
C TYR A 119 15.91 -1.71 24.09
N VAL A 120 14.71 -1.83 24.61
CA VAL A 120 14.53 -2.01 26.06
C VAL A 120 14.22 -3.43 26.45
N GLY A 121 13.44 -4.17 25.69
CA GLY A 121 13.16 -5.57 26.01
C GLY A 121 11.94 -5.84 26.87
N ARG A 122 11.16 -4.83 27.19
CA ARG A 122 10.02 -5.06 28.05
C ARG A 122 8.73 -5.47 27.30
N PHE A 123 8.52 -5.02 26.07
CA PHE A 123 7.30 -5.44 25.32
C PHE A 123 7.31 -6.96 25.16
N GLU A 124 8.49 -7.52 24.88
CA GLU A 124 8.73 -8.96 24.69
C GLU A 124 8.35 -9.84 25.85
N LYS A 125 8.44 -9.28 27.05
CA LYS A 125 8.06 -9.98 28.27
C LYS A 125 6.55 -10.09 28.55
N LEU A 126 5.74 -9.27 27.89
CA LEU A 126 4.31 -9.29 28.12
C LEU A 126 3.71 -10.56 27.60
N SER A 127 2.73 -11.08 28.28
CA SER A 127 1.97 -12.20 27.73
C SER A 127 0.93 -11.65 26.77
N VAL A 128 0.34 -12.48 25.93
N VAL A 128 0.41 -12.52 25.92
CA VAL A 128 -0.70 -12.02 25.01
CA VAL A 128 -0.70 -12.22 25.04
C VAL A 128 -1.97 -11.58 25.74
C VAL A 128 -1.84 -11.58 25.79
N LYS A 129 -2.28 -12.21 26.87
CA LYS A 129 -3.34 -11.75 27.70
C LYS A 129 -3.16 -10.32 28.17
N GLU A 130 -1.94 -9.95 28.57
CA GLU A 130 -1.67 -8.60 29.00
C GLU A 130 -1.81 -7.59 27.86
N LYS A 131 -1.40 -7.98 26.66
CA LYS A 131 -1.58 -7.11 25.50
C LYS A 131 -3.05 -6.94 25.22
N MET A 132 -3.84 -8.05 25.26
CA MET A 132 -5.25 -7.96 25.03
C MET A 132 -5.87 -7.06 26.06
N ASP A 133 -5.44 -7.22 27.31
CA ASP A 133 -6.06 -6.47 28.42
C ASP A 133 -5.81 -4.96 28.28
N MET A 134 -4.64 -4.57 27.78
CA MET A 134 -4.39 -3.17 27.41
C MET A 134 -5.40 -2.59 26.38
N ALA A 135 -5.62 -3.32 25.30
CA ALA A 135 -6.58 -2.93 24.27
C ALA A 135 -8.01 -2.85 24.82
N LYS A 136 -8.45 -3.89 25.54
CA LYS A 136 -9.75 -3.89 26.21
C LYS A 136 -9.96 -2.76 27.22
N LYS A 137 -8.91 -2.39 27.93
CA LYS A 137 -8.97 -1.31 28.83
C LYS A 137 -9.12 0.02 28.07
N ALA A 138 -8.41 0.16 26.95
CA ALA A 138 -8.58 1.36 26.13
C ALA A 138 -10.03 1.48 25.60
N HIS A 139 -10.60 0.33 25.20
CA HIS A 139 -11.96 0.30 24.71
C HIS A 139 -12.95 0.71 25.80
N GLU A 140 -12.74 0.15 26.98
CA GLU A 140 -13.65 0.33 28.11
C GLU A 140 -13.70 1.80 28.49
N SER A 141 -12.54 2.46 28.51
CA SER A 141 -12.47 3.88 28.83
C SER A 141 -13.07 4.73 27.73
N ALA A 142 -12.86 4.36 26.47
CA ALA A 142 -13.42 5.11 25.36
C ALA A 142 -14.95 4.97 25.39
N ALA A 143 -15.44 3.81 25.83
CA ALA A 143 -16.91 3.51 25.81
C ALA A 143 -17.71 4.02 27.02
N LYS A 144 -17.03 4.41 28.08
CA LYS A 144 -17.68 4.70 29.33
C LYS A 144 -18.77 5.80 29.25
N ASP A 145 -18.46 6.94 28.63
CA ASP A 145 -19.39 8.05 28.60
C ASP A 145 -20.63 7.74 27.73
N GLU A 146 -21.82 8.04 28.24
CA GLU A 146 -23.06 7.75 27.50
C GLU A 146 -23.14 8.47 26.13
N ARG A 147 -22.35 9.52 25.95
CA ARG A 147 -22.35 10.28 24.72
C ARG A 147 -21.61 9.57 23.62
N VAL A 148 -20.73 8.64 23.99
CA VAL A 148 -20.03 7.82 22.99
C VAL A 148 -20.98 6.74 22.48
N VAL A 149 -21.19 6.71 21.16
CA VAL A 149 -22.14 5.80 20.54
C VAL A 149 -21.41 4.55 20.08
N MET A 150 -20.13 4.69 19.78
CA MET A 150 -19.33 3.51 19.56
C MET A 150 -17.84 3.81 19.56
N VAL A 151 -17.08 2.72 19.48
CA VAL A 151 -15.64 2.78 19.48
C VAL A 151 -15.15 1.91 18.32
N PRO A 152 -15.05 2.52 17.13
CA PRO A 152 -14.94 1.65 15.96
C PRO A 152 -13.60 0.91 15.92
N THR A 153 -12.57 1.50 16.51
CA THR A 153 -11.27 0.94 16.49
C THR A 153 -10.51 1.15 17.78
N VAL A 154 -9.86 0.08 18.23
CA VAL A 154 -8.71 0.15 19.14
C VAL A 154 -7.64 -0.73 18.53
N MET A 155 -6.46 -0.18 18.43
CA MET A 155 -5.35 -0.92 17.91
C MET A 155 -4.10 -0.89 18.79
N TYR A 156 -3.55 -2.09 19.00
CA TYR A 156 -2.29 -2.33 19.71
C TYR A 156 -1.25 -2.87 18.72
N LYS A 157 -0.02 -2.42 18.84
CA LYS A 157 1.07 -3.03 18.16
C LYS A 157 2.38 -2.98 18.93
N ASP A 158 3.13 -4.08 18.92
CA ASP A 158 4.52 -4.01 19.30
C ASP A 158 5.41 -4.69 18.29
N MET A 159 6.69 -4.29 18.29
N MET A 159 6.70 -4.44 18.48
CA MET A 159 7.66 -4.71 17.27
CA MET A 159 7.68 -4.94 17.60
C MET A 159 9.07 -4.74 17.88
C MET A 159 9.06 -4.96 18.18
N VAL A 160 9.88 -5.76 17.52
CA VAL A 160 11.33 -5.77 17.75
C VAL A 160 12.02 -5.97 16.39
N ILE A 161 13.05 -5.19 16.16
CA ILE A 161 13.76 -5.17 14.87
C ILE A 161 15.25 -5.23 15.12
N LYS A 162 15.95 -6.13 14.42
CA LYS A 162 17.40 -6.23 14.46
C LYS A 162 17.92 -5.98 13.03
N LYS A 163 18.86 -5.04 12.91
CA LYS A 163 19.43 -4.60 11.64
C LYS A 163 20.93 -4.83 11.68
N ILE A 164 21.51 -5.45 10.62
CA ILE A 164 22.98 -5.63 10.52
C ILE A 164 23.35 -5.18 9.11
N ILE A 165 24.37 -4.34 8.99
CA ILE A 165 24.96 -4.01 7.69
C ILE A 165 26.46 -4.27 7.75
N THR A 166 26.95 -5.04 6.80
CA THR A 166 28.40 -5.25 6.78
C THR A 166 28.87 -5.34 5.33
N ASN A 167 30.11 -4.93 5.08
CA ASN A 167 30.70 -4.96 3.76
C ASN A 167 32.21 -5.23 3.80
N THR A 168 32.77 -5.48 2.62
CA THR A 168 34.19 -5.83 2.45
C THR A 168 35.13 -4.60 2.63
N LEU A 169 34.55 -3.42 2.85
CA LEU A 169 35.33 -2.22 3.22
C LEU A 169 35.43 -2.04 4.74
N GLY A 170 35.10 -3.10 5.47
CA GLY A 170 35.21 -3.06 6.91
C GLY A 170 33.99 -2.60 7.66
N LEU A 171 32.91 -2.21 6.98
CA LEU A 171 31.69 -1.86 7.69
C LEU A 171 31.17 -3.08 8.38
N ASP A 172 30.78 -2.88 9.62
CA ASP A 172 30.14 -3.92 10.40
C ASP A 172 29.34 -3.31 11.59
N VAL A 173 28.05 -3.10 11.37
CA VAL A 173 27.22 -2.35 12.32
C VAL A 173 25.96 -3.13 12.59
N GLU A 174 25.42 -3.00 13.79
CA GLU A 174 24.23 -3.77 14.19
C GLU A 174 23.48 -2.87 15.13
N SER A 175 22.16 -2.89 15.08
CA SER A 175 21.34 -2.17 16.05
C SER A 175 20.04 -2.95 16.28
N GLN A 176 19.48 -2.88 17.47
CA GLN A 176 18.19 -3.45 17.71
C GLN A 176 17.35 -2.38 18.28
N MET A 177 16.05 -2.40 17.93
N MET A 177 16.06 -2.58 18.11
CA MET A 177 15.06 -1.39 18.36
CA MET A 177 15.09 -1.60 18.48
C MET A 177 13.77 -2.13 18.73
C MET A 177 13.89 -2.35 18.98
N ASP A 178 13.10 -1.67 19.78
CA ASP A 178 11.78 -2.15 20.09
C ASP A 178 10.82 -1.00 20.43
N GLY A 179 9.53 -1.31 20.50
CA GLY A 179 8.56 -0.28 20.81
C GLY A 179 7.18 -0.77 20.50
N GLY A 180 6.23 0.10 20.77
CA GLY A 180 4.82 -0.22 20.63
C GLY A 180 3.98 1.03 20.58
N PHE A 181 2.69 0.83 20.39
CA PHE A 181 1.68 1.83 19.97
C PHE A 181 0.35 1.30 20.47
N LEU A 182 -0.48 2.19 21.01
CA LEU A 182 -1.84 1.89 21.34
C LEU A 182 -2.65 3.09 20.88
N PHE A 183 -3.76 2.78 20.18
CA PHE A 183 -4.57 3.78 19.49
C PHE A 183 -6.02 3.44 19.78
N ALA A 184 -6.83 4.48 19.91
CA ALA A 184 -8.26 4.32 20.04
C ALA A 184 -9.00 5.42 19.27
N MET A 185 -10.14 5.06 18.71
CA MET A 185 -11.02 6.03 18.02
C MET A 185 -12.44 5.85 18.51
N ALA A 186 -13.07 6.97 18.89
CA ALA A 186 -14.42 6.97 19.37
C ALA A 186 -15.34 7.83 18.50
N ILE A 187 -16.62 7.47 18.46
CA ILE A 187 -17.68 8.28 17.80
C ILE A 187 -18.71 8.76 18.81
N ALA A 188 -18.95 10.09 18.84
CA ALA A 188 -19.90 10.75 19.74
C ALA A 188 -21.23 11.09 19.01
N ARG A 189 -22.32 11.03 19.75
CA ARG A 189 -23.63 11.27 19.21
C ARG A 189 -23.86 12.76 18.90
N ASP A 190 -24.25 13.08 17.65
CA ASP A 190 -24.58 14.45 17.27
C ASP A 190 -25.39 14.46 15.95
N ALA A 191 -25.96 15.60 15.59
CA ALA A 191 -26.64 15.76 14.29
C ALA A 191 -25.91 15.09 13.10
N ASN A 192 -24.60 15.30 13.07
CA ASN A 192 -23.66 14.50 12.29
C ASN A 192 -22.75 13.86 13.33
N PRO A 193 -22.55 12.54 13.26
CA PRO A 193 -21.68 11.94 14.26
C PRO A 193 -20.25 12.49 14.27
N ARG A 194 -19.67 12.63 15.46
CA ARG A 194 -18.39 13.29 15.63
C ARG A 194 -17.32 12.27 15.96
N SER A 195 -16.22 12.24 15.24
CA SER A 195 -15.17 11.33 15.60
C SER A 195 -14.00 11.98 16.32
N GLY A 196 -13.35 11.18 17.15
CA GLY A 196 -12.20 11.59 17.93
C GLY A 196 -11.25 10.38 17.96
N SER A 197 -9.96 10.65 18.08
CA SER A 197 -8.99 9.58 18.28
C SER A 197 -7.79 10.07 19.08
N TRP A 198 -7.04 9.11 19.60
CA TRP A 198 -5.80 9.42 20.29
C TRP A 198 -4.88 8.20 20.21
N TYR A 199 -3.58 8.43 20.22
CA TYR A 199 -2.57 7.35 20.27
C TYR A 199 -1.43 7.78 21.16
N GLU A 200 -0.74 6.77 21.68
CA GLU A 200 0.58 7.00 22.31
C GLU A 200 1.58 6.02 21.63
N LEU A 201 2.80 6.52 21.40
CA LEU A 201 3.97 5.67 20.99
C LEU A 201 4.85 5.52 22.22
N ALA A 202 5.39 4.32 22.42
CA ALA A 202 6.19 4.02 23.58
C ALA A 202 7.32 3.02 23.28
N ARG A 203 8.39 3.16 24.04
CA ARG A 203 9.53 2.21 24.04
C ARG A 203 9.26 1.08 25.03
N THR A 204 8.46 1.34 26.06
CA THR A 204 8.12 0.30 27.03
C THR A 204 6.60 0.29 27.30
N PRO A 205 6.04 -0.86 27.72
CA PRO A 205 4.61 -0.92 27.96
C PRO A 205 4.13 0.05 29.05
N GLU A 206 5.02 0.37 29.98
CA GLU A 206 4.72 1.21 31.14
C GLU A 206 4.43 2.58 30.69
N ASP A 207 4.91 2.94 29.50
CA ASP A 207 4.61 4.26 29.03
C ASP A 207 3.35 4.40 28.21
N LEU A 208 2.58 3.32 28.14
CA LEU A 208 1.27 3.34 27.53
C LEU A 208 0.29 3.40 28.66
N ASN A 209 -0.67 4.31 28.55
CA ASN A 209 -1.76 4.39 29.54
C ASN A 209 -3.06 4.15 28.81
N PRO A 210 -3.54 2.91 28.78
CA PRO A 210 -4.75 2.46 28.11
C PRO A 210 -5.99 3.27 28.47
N GLU A 211 -6.18 3.47 29.76
CA GLU A 211 -7.27 4.24 30.28
C GLU A 211 -7.21 5.69 29.78
N GLU A 212 -6.05 6.32 29.84
CA GLU A 212 -5.98 7.70 29.35
C GLU A 212 -6.19 7.81 27.84
N ILE A 213 -5.69 6.82 27.09
CA ILE A 213 -5.81 6.85 25.65
C ILE A 213 -7.29 6.74 25.23
N GLY A 214 -8.02 5.82 25.84
CA GLY A 214 -9.44 5.66 25.56
C GLY A 214 -10.23 6.90 25.98
N LYS A 215 -9.92 7.41 27.16
CA LYS A 215 -10.54 8.65 27.71
C LYS A 215 -10.32 9.85 26.76
N ARG A 216 -9.07 10.11 26.34
CA ARG A 216 -8.82 11.12 25.30
C ARG A 216 -9.54 10.96 23.96
N ALA A 217 -9.64 9.74 23.44
CA ALA A 217 -10.36 9.51 22.22
C ALA A 217 -11.84 9.96 22.37
N ALA A 218 -12.45 9.62 23.51
CA ALA A 218 -13.84 10.01 23.81
C ALA A 218 -13.95 11.54 23.95
N GLU A 219 -13.12 12.12 24.81
CA GLU A 219 -13.02 13.60 24.99
C GLU A 219 -12.88 14.33 23.66
N GLU A 220 -12.04 13.82 22.78
CA GLU A 220 -11.90 14.35 21.44
C GLU A 220 -13.23 14.40 20.69
N ALA A 221 -13.90 13.26 20.61
CA ALA A 221 -15.17 13.17 19.92
C ALA A 221 -16.26 14.05 20.53
N ILE A 222 -16.35 14.02 21.85
CA ILE A 222 -17.42 14.72 22.57
C ILE A 222 -17.31 16.23 22.43
N SER A 223 -16.07 16.73 22.41
N SER A 223 -16.08 16.73 22.38
CA SER A 223 -15.82 18.15 22.32
CA SER A 223 -15.83 18.15 22.32
C SER A 223 -16.31 18.77 21.00
C SER A 223 -16.21 18.77 20.97
N LEU A 224 -16.50 17.92 19.98
CA LEU A 224 -17.02 18.37 18.68
C LEU A 224 -18.55 18.36 18.64
N ILE A 225 -19.20 17.90 19.70
CA ILE A 225 -20.66 17.93 19.70
C ILE A 225 -21.09 19.38 19.71
N GLY A 226 -22.05 19.72 18.84
CA GLY A 226 -22.51 21.08 18.64
C GLY A 226 -21.64 21.88 17.69
N SER A 227 -20.81 21.22 16.91
CA SER A 227 -20.04 21.89 15.88
C SER A 227 -20.96 22.69 14.96
N LYS A 228 -20.40 23.76 14.42
CA LYS A 228 -21.07 24.64 13.47
C LYS A 228 -20.03 24.90 12.41
N THR A 229 -20.43 25.22 11.20
CA THR A 229 -19.42 25.56 10.19
C THR A 229 -19.19 27.07 10.34
N ILE A 230 -18.21 27.60 9.63
CA ILE A 230 -17.92 29.02 9.69
C ILE A 230 -17.80 29.54 8.27
N PRO A 231 -17.84 30.88 8.11
CA PRO A 231 -17.66 31.46 6.79
C PRO A 231 -16.27 31.24 6.25
N SER A 232 -16.21 30.93 4.96
CA SER A 232 -14.94 30.83 4.30
C SER A 232 -14.24 32.16 4.48
N GLY A 233 -12.98 32.10 4.83
CA GLY A 233 -12.22 33.33 4.96
C GLY A 233 -10.82 33.00 5.40
N LYS A 234 -10.06 34.06 5.67
CA LYS A 234 -8.71 33.93 6.19
C LYS A 234 -8.79 34.10 7.72
N TYR A 235 -8.31 33.12 8.48
CA TYR A 235 -8.26 33.24 9.94
C TYR A 235 -6.90 32.91 10.51
N PRO A 236 -6.57 33.50 11.67
CA PRO A 236 -5.43 32.98 12.43
C PRO A 236 -5.73 31.52 12.80
N VAL A 237 -4.72 30.67 12.77
CA VAL A 237 -4.90 29.25 13.01
C VAL A 237 -3.94 28.78 14.09
N LEU A 238 -4.52 28.27 15.19
CA LEU A 238 -3.70 27.56 16.16
C LEU A 238 -3.71 26.07 15.74
N MET A 239 -2.64 25.62 15.12
CA MET A 239 -2.59 24.25 14.70
C MET A 239 -2.03 23.35 15.80
N ARG A 240 -2.91 22.56 16.40
CA ARG A 240 -2.48 21.68 17.46
C ARG A 240 -1.42 20.70 16.93
N ASN A 241 -0.56 20.27 17.86
CA ASN A 241 0.50 19.30 17.60
C ASN A 241 0.07 18.12 16.70
N THR A 242 -1.05 17.49 17.04
CA THR A 242 -1.54 16.33 16.28
C THR A 242 -1.77 16.63 14.79
N ALA A 243 -2.28 17.83 14.45
CA ALA A 243 -2.45 18.21 13.03
C ALA A 243 -1.07 18.48 12.39
N LEU A 244 -0.21 19.17 13.12
CA LEU A 244 1.05 19.60 12.55
C LEU A 244 1.97 18.41 12.35
N LEU A 245 1.90 17.43 13.25
CA LEU A 245 2.69 16.19 13.12
C LEU A 245 2.41 15.54 11.75
N ASP A 246 1.16 15.49 11.31
CA ASP A 246 0.86 14.95 9.95
C ASP A 246 1.27 15.90 8.81
N LEU A 247 0.97 17.18 8.99
CA LEU A 247 1.21 18.14 7.94
C LEU A 247 2.68 18.25 7.63
N MET A 248 3.52 18.20 8.67
CA MET A 248 4.97 18.30 8.55
C MET A 248 5.56 17.23 7.64
N GLU A 249 4.90 16.10 7.52
CA GLU A 249 5.38 15.05 6.66
C GLU A 249 5.59 15.51 5.24
N MET A 250 4.82 16.51 4.80
CA MET A 250 5.00 17.01 3.43
C MET A 250 6.30 17.81 3.24
N PHE A 251 6.99 18.11 4.33
CA PHE A 251 8.29 18.77 4.27
C PHE A 251 9.40 17.77 3.92
N ILE A 252 9.16 16.50 4.16
CA ILE A 252 10.23 15.50 4.08
C ILE A 252 10.78 15.33 2.64
N PRO A 253 9.92 15.13 1.63
CA PRO A 253 10.45 15.12 0.25
C PRO A 253 11.18 16.42 -0.19
N MET A 254 10.77 17.57 0.35
CA MET A 254 11.40 18.87 0.00
C MET A 254 12.86 18.98 0.40
N ILE A 255 13.20 18.32 1.50
CA ILE A 255 14.54 18.44 2.04
C ILE A 255 15.48 17.31 1.58
N SER A 256 14.95 16.33 0.83
CA SER A 256 15.85 15.40 0.08
C SER A 256 16.75 16.07 -0.98
N ALA A 257 18.08 15.97 -0.81
CA ALA A 257 19.01 16.47 -1.85
C ALA A 257 18.77 15.87 -3.23
N GLU A 258 18.27 14.64 -3.25
CA GLU A 258 17.94 13.94 -4.48
C GLU A 258 16.76 14.60 -5.18
N ASN A 259 15.70 14.90 -4.43
CA ASN A 259 14.52 15.63 -4.99
C ASN A 259 14.92 17.02 -5.43
N VAL A 260 15.84 17.64 -4.69
CA VAL A 260 16.35 18.94 -5.11
C VAL A 260 17.09 18.86 -6.42
N GLN A 261 18.04 17.92 -6.54
CA GLN A 261 18.77 17.66 -7.80
C GLN A 261 17.83 17.42 -8.97
N LYS A 262 16.77 16.67 -8.74
CA LYS A 262 15.80 16.31 -9.80
C LYS A 262 14.79 17.39 -10.17
N ASN A 263 14.91 18.58 -9.61
CA ASN A 263 13.89 19.65 -9.79
C ASN A 263 12.51 19.24 -9.28
N LEU A 264 12.48 18.49 -8.20
CA LEU A 264 11.23 18.04 -7.56
C LEU A 264 11.03 18.60 -6.14
N SER A 265 11.69 19.73 -5.83
CA SER A 265 11.55 20.37 -4.52
C SER A 265 11.42 21.91 -4.65
N PRO A 266 10.45 22.49 -3.92
CA PRO A 266 10.32 23.94 -3.98
C PRO A 266 11.44 24.69 -3.19
N LEU A 267 12.37 23.95 -2.56
CA LEU A 267 13.51 24.53 -1.85
C LEU A 267 14.81 24.65 -2.66
N LYS A 268 14.82 24.24 -3.92
CA LYS A 268 16.02 24.39 -4.74
C LYS A 268 16.47 25.86 -4.75
N GLY A 269 17.77 26.08 -4.54
CA GLY A 269 18.33 27.44 -4.53
C GLY A 269 18.11 28.29 -3.27
N LYS A 270 17.52 27.67 -2.23
CA LYS A 270 17.13 28.38 -1.04
C LYS A 270 18.06 28.14 0.14
N LEU A 271 19.16 27.43 -0.04
CA LEU A 271 20.05 27.21 1.09
C LEU A 271 20.44 28.60 1.55
N GLY A 272 20.41 28.82 2.85
CA GLY A 272 20.86 30.06 3.40
C GLY A 272 19.80 31.15 3.43
N GLU A 273 18.62 30.88 2.90
CA GLU A 273 17.57 31.90 2.85
C GLU A 273 16.58 31.71 4.00
N GLN A 274 15.80 32.75 4.29
CA GLN A 274 14.72 32.66 5.30
C GLN A 274 13.46 32.05 4.77
N VAL A 275 13.42 30.73 4.85
CA VAL A 275 12.28 29.98 4.38
C VAL A 275 11.13 30.00 5.38
N GLY A 276 11.49 30.01 6.66
CA GLY A 276 10.48 30.10 7.69
C GLY A 276 10.59 31.34 8.52
N ASN A 277 9.59 31.50 9.38
CA ASN A 277 9.62 32.53 10.40
C ASN A 277 10.83 32.30 11.34
N PRO A 278 11.46 33.38 11.81
CA PRO A 278 12.51 33.28 12.80
C PRO A 278 12.20 32.42 14.01
N ALA A 279 10.92 32.35 14.38
CA ALA A 279 10.45 31.47 15.46
C ALA A 279 10.59 29.97 15.18
N VAL A 280 10.87 29.57 13.94
CA VAL A 280 10.75 28.19 13.55
C VAL A 280 12.13 27.58 13.36
N SER A 281 12.47 26.57 14.18
CA SER A 281 13.66 25.75 13.97
C SER A 281 13.20 24.30 13.86
N ILE A 282 13.75 23.59 12.88
CA ILE A 282 13.44 22.22 12.66
C ILE A 282 14.77 21.47 12.55
N LYS A 283 14.87 20.41 13.36
CA LYS A 283 16.06 19.58 13.47
C LYS A 283 15.76 18.17 13.00
N ASP A 284 16.82 17.52 12.52
CA ASP A 284 16.80 16.05 12.30
C ASP A 284 17.55 15.46 13.48
N LEU A 285 16.83 14.65 14.26
CA LEU A 285 17.40 14.06 15.47
C LEU A 285 17.56 12.56 15.27
N PRO A 286 18.76 11.99 15.56
CA PRO A 286 18.92 10.50 15.50
C PRO A 286 18.03 9.72 16.48
N TYR A 287 17.74 10.34 17.61
CA TYR A 287 17.07 9.67 18.68
C TYR A 287 16.15 10.55 19.47
N HIS A 288 15.00 9.97 19.81
CA HIS A 288 14.11 10.45 20.85
C HIS A 288 13.53 9.18 21.52
N PRO A 289 13.40 9.18 22.84
CA PRO A 289 12.92 8.02 23.57
C PRO A 289 11.64 7.37 23.04
N LYS A 290 10.73 8.15 22.48
CA LYS A 290 9.45 7.66 21.93
C LYS A 290 9.42 7.73 20.39
N GLY A 291 10.56 8.07 19.78
CA GLY A 291 10.71 8.05 18.30
C GLY A 291 11.18 6.67 17.87
N LEU A 292 10.25 5.84 17.40
CA LEU A 292 10.52 4.42 17.19
C LEU A 292 11.34 4.13 15.94
N SER A 293 11.53 5.12 15.05
CA SER A 293 12.50 5.01 13.98
C SER A 293 13.94 5.39 14.35
N SER A 294 14.18 5.77 15.61
CA SER A 294 15.50 6.17 16.08
C SER A 294 16.51 5.07 15.79
N THR A 295 17.68 5.44 15.27
CA THR A 295 18.68 4.47 14.85
C THR A 295 20.00 5.20 14.76
N PRO A 296 21.10 4.53 15.10
CA PRO A 296 22.44 5.08 15.00
C PRO A 296 23.04 5.08 13.60
N PHE A 297 22.41 4.42 12.62
CA PHE A 297 22.94 4.41 11.27
C PHE A 297 21.86 4.29 10.28
N ASP A 298 22.12 4.87 9.10
CA ASP A 298 21.21 4.75 7.98
C ASP A 298 21.34 3.39 7.22
N ASP A 299 20.65 3.22 6.11
CA ASP A 299 20.67 1.95 5.38
C ASP A 299 21.94 1.78 4.51
N GLU A 300 22.80 2.79 4.50
CA GLU A 300 24.14 2.73 3.85
C GLU A 300 25.21 2.54 4.92
N GLY A 301 24.79 2.45 6.18
CA GLY A 301 25.71 2.28 7.29
C GLY A 301 26.38 3.57 7.77
N VAL A 302 25.84 4.71 7.37
CA VAL A 302 26.45 5.98 7.72
C VAL A 302 25.90 6.40 9.08
N PRO A 303 26.76 6.86 10.00
CA PRO A 303 26.19 7.31 11.26
C PRO A 303 25.14 8.43 11.07
N THR A 304 24.02 8.26 11.74
CA THR A 304 23.02 9.31 11.79
C THR A 304 23.57 10.49 12.61
N THR A 305 23.17 11.68 12.23
CA THR A 305 23.67 12.94 12.78
C THR A 305 22.50 13.83 13.20
N GLU A 306 22.76 14.66 14.19
CA GLU A 306 21.87 15.72 14.65
C GLU A 306 22.24 17.06 14.01
N LYS A 307 21.25 17.72 13.43
CA LYS A 307 21.53 19.02 12.80
C LYS A 307 20.26 19.81 12.64
N PHE A 308 20.41 21.13 12.49
CA PHE A 308 19.30 21.95 12.01
C PHE A 308 19.08 21.81 10.50
N VAL A 309 17.83 21.59 10.14
CA VAL A 309 17.39 21.81 8.78
C VAL A 309 16.98 23.30 8.62
N LEU A 310 16.15 23.79 9.54
CA LEU A 310 15.88 25.20 9.67
C LEU A 310 16.37 25.65 11.00
N GLU A 311 17.18 26.68 11.00
CA GLU A 311 17.66 27.25 12.21
C GLU A 311 17.20 28.70 12.21
N ASN A 312 16.28 29.02 13.12
CA ASN A 312 15.62 30.33 13.15
C ASN A 312 15.13 30.72 11.76
N GLY A 313 14.51 29.75 11.09
CA GLY A 313 13.82 29.95 9.85
C GLY A 313 14.75 29.91 8.65
N VAL A 314 16.05 29.81 8.87
CA VAL A 314 17.03 29.81 7.79
C VAL A 314 17.30 28.37 7.38
N LEU A 315 17.18 28.07 6.08
CA LEU A 315 17.51 26.75 5.58
C LEU A 315 19.06 26.50 5.57
N LYS A 316 19.50 25.53 6.38
CA LYS A 316 20.91 25.26 6.61
C LYS A 316 21.46 24.17 5.77
N THR A 317 20.68 23.12 5.48
CA THR A 317 21.23 21.97 4.71
C THR A 317 20.10 21.19 4.14
N PHE A 318 20.37 20.45 3.06
CA PHE A 318 19.50 19.34 2.68
C PHE A 318 20.01 18.06 3.35
N LEU A 319 19.19 17.04 3.27
CA LEU A 319 19.55 15.70 3.69
C LEU A 319 20.09 14.90 2.48
N HIS A 320 21.10 14.08 2.76
CA HIS A 320 21.86 13.37 1.76
C HIS A 320 21.93 11.84 1.96
N ASN A 321 22.21 11.17 0.84
CA ASN A 321 22.75 9.84 0.82
C ASN A 321 24.18 9.91 0.28
N LEU A 322 24.86 8.79 0.15
CA LEU A 322 26.26 8.81 -0.29
C LEU A 322 26.38 9.43 -1.69
N LYS A 323 25.44 9.10 -2.58
CA LYS A 323 25.48 9.57 -3.97
C LYS A 323 25.35 11.08 -4.03
N THR A 324 24.42 11.66 -3.28
CA THR A 324 24.19 13.10 -3.39
C THR A 324 25.29 13.86 -2.67
N ALA A 325 25.76 13.33 -1.54
CA ALA A 325 26.92 13.96 -0.88
C ALA A 325 28.15 13.99 -1.79
N ARG A 326 28.44 12.86 -2.45
CA ARG A 326 29.60 12.78 -3.31
C ARG A 326 29.39 13.76 -4.46
N LYS A 327 28.21 13.74 -5.10
CA LYS A 327 27.88 14.68 -6.18
C LYS A 327 27.99 16.13 -5.79
N GLU A 328 27.45 16.49 -4.61
CA GLU A 328 27.43 17.90 -4.16
C GLU A 328 28.63 18.34 -3.33
N GLY A 329 29.66 17.48 -3.25
CA GLY A 329 30.86 17.72 -2.45
C GLY A 329 30.69 18.02 -0.96
N VAL A 330 29.74 17.38 -0.31
CA VAL A 330 29.54 17.55 1.11
C VAL A 330 29.73 16.25 1.88
N GLU A 331 29.75 16.37 3.20
CA GLU A 331 29.86 15.17 4.03
C GLU A 331 28.51 14.49 4.00
N PRO A 332 28.52 13.15 3.99
CA PRO A 332 27.27 12.43 4.16
C PRO A 332 26.63 12.85 5.48
N THR A 333 25.30 12.94 5.52
CA THR A 333 24.57 13.37 6.69
C THR A 333 23.93 12.20 7.46
N GLY A 334 23.95 10.99 6.90
CA GLY A 334 23.33 9.83 7.55
C GLY A 334 21.80 9.75 7.36
N ASN A 335 21.35 10.07 6.14
CA ASN A 335 19.92 10.05 5.79
C ASN A 335 19.56 9.13 4.61
N GLY A 336 20.49 8.21 4.25
CA GLY A 336 20.30 7.37 3.09
C GLY A 336 19.55 6.13 3.52
N PHE A 337 18.24 6.18 3.38
CA PHE A 337 17.36 5.06 3.74
C PHE A 337 16.73 4.46 2.48
N VAL A 338 16.35 3.20 2.58
CA VAL A 338 15.69 2.53 1.47
C VAL A 338 14.37 3.26 1.18
N GLY A 339 14.15 3.63 -0.05
CA GLY A 339 12.89 4.31 -0.35
C GLY A 339 13.03 5.80 -0.52
N GLY A 340 14.14 6.35 -0.05
CA GLY A 340 14.33 7.76 -0.13
C GLY A 340 15.13 8.31 1.01
N ILE A 341 15.80 9.41 0.71
CA ILE A 341 16.44 10.21 1.74
C ILE A 341 15.37 10.71 2.71
N ARG A 342 15.55 10.45 3.99
CA ARG A 342 14.65 10.99 4.98
C ARG A 342 15.32 11.30 6.32
N PRO A 343 14.70 12.19 7.10
CA PRO A 343 15.11 12.44 8.46
C PRO A 343 14.83 11.22 9.32
N VAL A 344 15.44 11.15 10.48
CA VAL A 344 15.18 10.06 11.41
C VAL A 344 13.98 10.52 12.26
N ASN A 345 14.18 11.53 13.10
CA ASN A 345 13.09 12.20 13.78
C ASN A 345 13.11 13.65 13.33
N LEU A 346 12.06 14.08 12.66
CA LEU A 346 12.03 15.47 12.21
C LEU A 346 11.24 16.27 13.25
N MET A 347 11.94 17.16 13.97
CA MET A 347 11.39 17.85 15.12
C MET A 347 11.31 19.35 14.93
N LEU A 348 10.12 19.89 15.12
CA LEU A 348 9.96 21.34 15.28
C LEU A 348 10.22 21.67 16.74
N MET A 349 11.17 22.58 16.96
CA MET A 349 11.64 22.86 18.27
C MET A 349 10.61 23.71 19.02
N PRO A 350 10.28 23.35 20.28
CA PRO A 350 9.27 24.09 21.03
C PRO A 350 9.75 25.45 21.48
N GLY A 351 8.81 26.36 21.68
CA GLY A 351 9.03 27.58 22.40
C GLY A 351 8.50 27.40 23.80
N GLU A 352 8.01 28.49 24.40
CA GLU A 352 7.75 28.50 25.84
C GLU A 352 6.28 28.56 26.22
N LYS A 353 5.38 28.72 25.25
CA LYS A 353 3.97 28.89 25.59
C LYS A 353 3.22 27.55 25.65
N SER A 354 2.35 27.37 26.63
CA SER A 354 1.48 26.22 26.64
C SER A 354 0.40 26.41 25.59
N PHE A 355 -0.36 25.35 25.32
CA PHE A 355 -1.52 25.47 24.44
C PHE A 355 -2.50 26.56 24.91
N GLU A 356 -2.82 26.52 26.18
CA GLU A 356 -3.73 27.50 26.77
C GLU A 356 -3.22 28.93 26.59
N GLU A 357 -1.90 29.13 26.70
CA GLU A 357 -1.29 30.43 26.46
C GLU A 357 -1.38 30.85 25.00
N LEU A 358 -1.15 29.91 24.10
CA LEU A 358 -1.36 30.13 22.67
C LEU A 358 -2.80 30.51 22.31
N LEU A 359 -3.77 29.86 22.92
CA LEU A 359 -5.20 30.23 22.77
C LEU A 359 -5.41 31.69 23.14
N LYS A 360 -4.90 32.03 24.32
CA LYS A 360 -5.01 33.36 24.86
C LYS A 360 -4.34 34.35 23.94
N GLU A 361 -3.12 34.06 23.49
CA GLU A 361 -2.42 34.99 22.57
C GLU A 361 -3.16 35.15 21.24
N MET A 362 -3.66 34.05 20.65
CA MET A 362 -4.43 34.14 19.43
C MET A 362 -5.70 34.96 19.62
N ASP A 363 -6.40 34.69 20.73
CA ASP A 363 -7.60 35.36 21.18
C ASP A 363 -8.85 35.11 20.34
N ARG A 364 -8.72 35.18 19.02
CA ARG A 364 -9.86 34.93 18.15
C ARG A 364 -9.43 34.27 16.84
N GLY A 365 -9.99 33.12 16.52
CA GLY A 365 -9.48 32.37 15.40
C GLY A 365 -9.88 30.91 15.43
N VAL A 366 -9.19 30.12 14.60
CA VAL A 366 -9.48 28.71 14.45
C VAL A 366 -8.41 27.88 15.12
N VAL A 367 -8.84 26.82 15.80
CA VAL A 367 -7.94 25.76 16.26
C VAL A 367 -8.15 24.56 15.33
N ILE A 368 -7.07 24.07 14.73
CA ILE A 368 -7.15 22.86 13.92
C ILE A 368 -6.43 21.76 14.66
N THR A 369 -7.19 20.70 14.95
CA THR A 369 -6.71 19.57 15.76
C THR A 369 -6.34 18.34 14.95
N GLU A 370 -6.94 18.18 13.77
CA GLU A 370 -6.62 17.06 12.88
C GLU A 370 -6.78 17.49 11.44
N VAL A 371 -5.93 16.95 10.57
CA VAL A 371 -6.08 17.06 9.10
C VAL A 371 -6.22 15.66 8.44
N GLU A 372 -6.89 15.60 7.30
CA GLU A 372 -7.17 14.35 6.63
C GLU A 372 -6.94 14.53 5.15
N GLY A 373 -6.51 13.44 4.50
CA GLY A 373 -6.39 13.39 3.05
C GLY A 373 -5.06 13.90 2.53
N MET A 374 -3.99 13.63 3.27
CA MET A 374 -2.65 14.08 2.87
C MET A 374 -2.23 13.48 1.53
N HIS A 375 -2.53 12.20 1.32
CA HIS A 375 -2.11 11.52 0.10
C HIS A 375 -2.60 12.24 -1.14
N ALA A 376 -3.90 12.53 -1.19
CA ALA A 376 -4.47 13.23 -2.34
C ALA A 376 -4.24 14.73 -2.26
N GLY A 377 -4.16 15.26 -1.03
CA GLY A 377 -4.31 16.69 -0.77
C GLY A 377 -3.05 17.51 -0.56
N ALA A 378 -1.90 16.84 -0.45
CA ALA A 378 -0.62 17.52 -0.14
C ALA A 378 0.41 17.37 -1.26
N ASN A 379 0.83 18.45 -1.91
CA ASN A 379 1.80 18.40 -2.99
C ASN A 379 3.17 18.91 -2.56
N SER A 380 4.09 17.98 -2.33
CA SER A 380 5.44 18.30 -1.88
C SER A 380 6.31 18.89 -3.00
N ILE A 381 5.86 18.80 -4.25
CA ILE A 381 6.63 19.44 -5.32
C ILE A 381 6.35 20.92 -5.32
N SER A 382 5.09 21.30 -5.20
CA SER A 382 4.72 22.73 -5.21
C SER A 382 4.70 23.33 -3.81
N GLY A 383 4.46 22.48 -2.83
CA GLY A 383 4.18 22.91 -1.45
C GLY A 383 2.70 23.09 -1.15
N GLU A 384 1.88 23.04 -2.20
CA GLU A 384 0.46 23.31 -2.07
C GLU A 384 -0.25 22.17 -1.38
N PHE A 385 -1.20 22.54 -0.51
CA PHE A 385 -2.07 21.60 0.16
C PHE A 385 -3.47 22.16 0.17
N SER A 386 -4.42 21.24 0.20
CA SER A 386 -5.86 21.50 0.37
C SER A 386 -6.46 20.27 1.07
N LEU A 387 -6.87 20.45 2.30
CA LEU A 387 -7.04 19.33 3.22
C LEU A 387 -8.29 19.54 4.03
N PHE A 388 -9.07 18.47 4.16
CA PHE A 388 -10.15 18.45 5.11
C PHE A 388 -9.56 18.53 6.50
N ALA A 389 -10.29 19.15 7.43
CA ALA A 389 -9.75 19.38 8.77
C ALA A 389 -10.85 19.38 9.83
N LYS A 390 -10.41 19.19 11.07
CA LYS A 390 -11.27 19.28 12.27
C LYS A 390 -10.69 20.35 13.18
N GLY A 391 -11.54 21.08 13.87
CA GLY A 391 -11.10 22.09 14.82
C GLY A 391 -12.25 22.79 15.53
N TYR A 392 -11.94 23.99 16.03
CA TYR A 392 -12.79 24.74 16.96
C TYR A 392 -12.70 26.22 16.59
N TRP A 393 -13.73 26.98 16.99
CA TRP A 393 -13.74 28.44 16.95
C TRP A 393 -13.36 28.95 18.36
N VAL A 394 -12.50 29.96 18.40
CA VAL A 394 -12.06 30.56 19.63
C VAL A 394 -12.50 32.00 19.62
N GLU A 395 -13.12 32.44 20.69
CA GLU A 395 -13.31 33.87 20.94
C GLU A 395 -12.93 34.19 22.37
N ASN A 396 -12.33 35.36 22.54
CA ASN A 396 -11.82 35.81 23.82
C ASN A 396 -10.90 34.84 24.48
N GLY A 397 -10.08 34.14 23.70
CA GLY A 397 -9.07 33.24 24.24
C GLY A 397 -9.55 31.90 24.75
N GLU A 398 -10.78 31.55 24.39
CA GLU A 398 -11.44 30.32 24.83
C GLU A 398 -12.13 29.63 23.68
N ILE A 399 -12.06 28.30 23.65
CA ILE A 399 -12.77 27.54 22.62
C ILE A 399 -14.27 27.78 22.83
N ALA A 400 -14.94 28.22 21.78
CA ALA A 400 -16.36 28.46 21.86
C ALA A 400 -17.13 27.22 21.39
N HIS A 401 -16.74 26.66 20.24
CA HIS A 401 -17.48 25.54 19.66
C HIS A 401 -16.70 24.87 18.55
N GLY A 402 -16.98 23.60 18.30
CA GLY A 402 -16.29 22.87 17.25
C GLY A 402 -16.70 23.40 15.88
N VAL A 403 -15.86 23.17 14.88
CA VAL A 403 -16.09 23.69 13.53
C VAL A 403 -16.27 22.53 12.53
N GLU A 404 -17.46 22.47 11.95
CA GLU A 404 -17.88 21.47 10.96
C GLU A 404 -17.38 21.74 9.57
N ASP A 405 -17.04 20.67 8.87
CA ASP A 405 -16.98 20.69 7.43
C ASP A 405 -16.09 21.80 6.97
N ILE A 406 -14.85 21.79 7.42
CA ILE A 406 -13.91 22.79 6.94
C ILE A 406 -12.74 22.18 6.18
N THR A 407 -12.27 22.97 5.23
CA THR A 407 -11.07 22.69 4.49
C THR A 407 -10.06 23.80 4.77
N ILE A 408 -8.80 23.41 4.94
CA ILE A 408 -7.74 24.37 4.96
C ILE A 408 -6.92 24.18 3.73
N SER A 409 -6.37 25.30 3.24
CA SER A 409 -5.48 25.28 2.11
C SER A 409 -4.40 26.35 2.24
N GLY A 410 -3.29 26.12 1.55
CA GLY A 410 -2.22 27.06 1.48
C GLY A 410 -1.03 26.39 0.85
N ASN A 411 0.12 27.01 1.06
CA ASN A 411 1.41 26.44 0.73
C ASN A 411 2.16 26.23 2.03
N PHE A 412 2.69 25.03 2.23
CA PHE A 412 3.43 24.66 3.41
C PHE A 412 4.58 25.66 3.74
N LEU A 413 5.26 26.18 2.72
CA LEU A 413 6.37 27.10 2.95
C LEU A 413 5.88 28.43 3.50
N ASP A 414 4.77 28.93 2.98
CA ASP A 414 4.14 30.14 3.51
C ASP A 414 3.65 29.91 4.94
N LEU A 415 3.09 28.76 5.21
CA LEU A 415 2.75 28.37 6.58
C LEU A 415 3.95 28.54 7.53
N LEU A 416 5.11 28.00 7.13
CA LEU A 416 6.34 28.11 7.89
C LEU A 416 6.69 29.56 8.12
N ARG A 417 6.47 30.40 7.10
CA ARG A 417 6.73 31.84 7.23
C ARG A 417 5.84 32.51 8.25
N LYS A 418 4.60 32.03 8.36
CA LYS A 418 3.58 32.65 9.21
C LYS A 418 3.44 32.00 10.57
N ILE A 419 4.31 31.05 10.91
CA ILE A 419 4.32 30.58 12.32
C ILE A 419 4.95 31.70 13.19
N VAL A 420 4.13 32.37 13.97
CA VAL A 420 4.62 33.47 14.79
C VAL A 420 4.91 33.08 16.25
N LEU A 421 4.32 31.99 16.72
CA LEU A 421 4.57 31.46 18.07
C LEU A 421 4.46 29.97 18.11
N VAL A 422 5.36 29.35 18.88
CA VAL A 422 5.53 27.90 18.98
C VAL A 422 5.33 27.49 20.44
N GLY A 423 4.54 26.44 20.63
CA GLY A 423 4.22 25.92 21.96
C GLY A 423 5.27 25.01 22.55
N ASN A 424 4.97 24.50 23.73
CA ASN A 424 5.88 23.65 24.45
C ASN A 424 5.22 22.26 24.65
N ASP A 425 4.12 22.01 23.96
CA ASP A 425 3.35 20.77 24.09
C ASP A 425 3.79 19.83 22.98
N VAL A 426 5.02 19.36 23.09
CA VAL A 426 5.64 18.49 22.10
C VAL A 426 5.02 17.09 22.14
N LYS A 427 4.66 16.57 20.96
CA LYS A 427 4.14 15.24 20.81
C LYS A 427 4.97 14.54 19.72
N VAL A 428 5.13 13.24 19.88
CA VAL A 428 5.93 12.43 18.95
C VAL A 428 5.02 11.58 18.04
N SER A 429 5.35 11.50 16.75
CA SER A 429 4.69 10.60 15.85
C SER A 429 5.77 9.65 15.31
N GLN A 430 5.53 9.10 14.13
CA GLN A 430 6.40 8.07 13.57
C GLN A 430 7.72 8.60 13.13
N HIS A 431 7.70 9.70 12.38
CA HIS A 431 8.90 10.31 11.84
C HIS A 431 8.97 11.81 12.12
N THR A 432 7.96 12.35 12.78
CA THR A 432 7.86 13.77 13.09
C THR A 432 7.57 13.93 14.57
N ILE A 433 8.00 15.07 15.10
CA ILE A 433 7.81 15.47 16.49
C ILE A 433 7.55 16.95 16.52
N ALA A 434 6.55 17.38 17.26
CA ALA A 434 6.16 18.78 17.20
C ALA A 434 5.26 19.19 18.32
N PRO A 435 5.31 20.49 18.67
CA PRO A 435 4.31 21.14 19.51
C PRO A 435 3.22 21.77 18.67
N SER A 436 2.25 22.39 19.30
CA SER A 436 1.28 23.20 18.62
C SER A 436 1.99 24.51 18.19
N VAL A 437 1.45 25.15 17.16
CA VAL A 437 1.91 26.46 16.68
C VAL A 437 0.73 27.37 16.38
N LEU A 438 1.02 28.67 16.48
CA LEU A 438 0.16 29.73 16.01
C LEU A 438 0.62 30.27 14.65
N VAL A 439 -0.27 30.13 13.67
CA VAL A 439 -0.04 30.56 12.30
C VAL A 439 -0.86 31.87 12.11
N GLU A 440 -0.16 32.92 11.70
CA GLU A 440 -0.74 34.26 11.57
C GLU A 440 -2.12 34.29 10.89
N VAL A 441 -2.17 33.65 9.73
CA VAL A 441 -3.42 33.54 9.02
C VAL A 441 -3.34 32.37 8.04
N LEU A 442 -4.44 31.66 7.85
CA LEU A 442 -4.52 30.60 6.86
C LEU A 442 -5.87 30.66 6.16
N ASP A 443 -5.91 30.16 4.92
CA ASP A 443 -7.17 30.06 4.17
C ASP A 443 -8.00 28.90 4.68
N VAL A 444 -9.20 29.20 5.14
CA VAL A 444 -10.16 28.22 5.60
C VAL A 444 -11.43 28.30 4.70
N ALA A 445 -11.97 27.15 4.30
CA ALA A 445 -13.22 27.13 3.50
C ALA A 445 -14.33 26.43 4.27
C MET B 13 13.22 -31.37 4.50
N THR B 14 13.48 -30.10 4.75
CA THR B 14 13.19 -29.63 6.09
C THR B 14 11.71 -29.14 6.13
N PHE B 15 11.03 -28.88 5.00
CA PHE B 15 9.55 -28.67 5.05
C PHE B 15 8.84 -29.92 5.52
N GLU B 16 9.19 -31.05 4.93
CA GLU B 16 8.57 -32.33 5.36
C GLU B 16 8.89 -32.64 6.84
N GLU B 17 10.10 -32.35 7.28
CA GLU B 17 10.48 -32.59 8.67
C GLU B 17 9.75 -31.62 9.62
N PHE B 18 9.71 -30.35 9.24
CA PHE B 18 8.93 -29.32 9.95
C PHE B 18 7.44 -29.75 10.13
N LYS B 19 6.82 -30.14 9.01
CA LYS B 19 5.43 -30.62 8.96
C LYS B 19 5.16 -31.82 9.86
N ASP B 20 6.00 -32.83 9.71
CA ASP B 20 5.91 -34.03 10.52
C ASP B 20 6.02 -33.75 12.03
N ARG B 21 6.96 -32.93 12.43
CA ARG B 21 7.05 -32.52 13.83
C ARG B 21 5.78 -31.74 14.31
N LEU B 22 5.33 -30.76 13.53
CA LEU B 22 4.06 -30.04 13.85
C LEU B 22 2.89 -30.96 13.98
N PHE B 23 2.73 -31.85 13.02
CA PHE B 23 1.63 -32.79 13.04
C PHE B 23 1.70 -33.70 14.26
N ALA B 24 2.91 -34.07 14.67
CA ALA B 24 3.04 -34.94 15.80
C ALA B 24 2.68 -34.21 17.09
N LEU B 25 3.05 -32.93 17.17
CA LEU B 25 2.68 -32.13 18.32
C LEU B 25 1.15 -31.96 18.37
N ALA B 26 0.53 -31.72 17.21
CA ALA B 26 -0.91 -31.57 17.13
C ALA B 26 -1.57 -32.81 17.72
N LYS B 27 -1.13 -33.97 17.26
CA LYS B 27 -1.70 -35.23 17.79
C LYS B 27 -1.49 -35.38 19.29
N LYS B 28 -0.31 -35.04 19.78
CA LYS B 28 0.03 -35.22 21.15
C LYS B 28 -0.87 -34.36 22.05
N ASN B 29 -1.28 -33.21 21.52
CA ASN B 29 -2.10 -32.26 22.27
C ASN B 29 -3.57 -32.24 21.90
N GLY B 30 -3.99 -33.17 21.05
CA GLY B 30 -5.40 -33.28 20.70
C GLY B 30 -5.95 -32.02 20.06
N VAL B 31 -5.14 -31.34 19.22
CA VAL B 31 -5.61 -30.21 18.41
C VAL B 31 -5.37 -30.54 16.94
N GLU B 32 -5.89 -29.72 16.03
CA GLU B 32 -5.58 -29.88 14.64
C GLU B 32 -4.57 -28.80 14.31
N VAL B 33 -3.77 -29.00 13.28
CA VAL B 33 -2.86 -27.95 12.84
C VAL B 33 -2.88 -27.91 11.35
N GLN B 34 -2.78 -26.68 10.85
CA GLN B 34 -2.69 -26.43 9.43
C GLN B 34 -1.41 -25.62 9.10
N ILE B 35 -0.73 -25.98 8.02
CA ILE B 35 0.42 -25.22 7.58
C ILE B 35 0.23 -24.74 6.16
N SER B 36 0.45 -23.44 5.95
CA SER B 36 0.39 -22.86 4.65
C SER B 36 1.75 -22.30 4.36
N PHE B 37 2.24 -22.68 3.19
CA PHE B 37 3.58 -22.35 2.70
C PHE B 37 3.41 -21.54 1.41
N LEU B 38 4.16 -20.45 1.36
CA LEU B 38 4.19 -19.58 0.15
C LEU B 38 5.61 -19.24 -0.16
N GLU B 39 6.06 -19.58 -1.36
CA GLU B 39 7.43 -19.27 -1.79
C GLU B 39 7.35 -18.64 -3.18
N THR B 40 8.00 -17.48 -3.34
CA THR B 40 7.90 -16.66 -4.57
C THR B 40 9.26 -16.20 -5.03
N ARG B 41 9.40 -16.07 -6.35
CA ARG B 41 10.56 -15.41 -6.90
C ARG B 41 10.00 -14.43 -7.94
N GLU B 42 10.54 -13.22 -7.98
CA GLU B 42 10.05 -12.20 -8.89
C GLU B 42 11.22 -11.39 -9.39
N PHE B 43 11.09 -10.90 -10.60
CA PHE B 43 12.08 -10.05 -11.18
C PHE B 43 11.28 -9.01 -11.87
N SER B 44 11.60 -7.74 -11.61
CA SER B 44 10.93 -6.68 -12.36
C SER B 44 11.90 -5.60 -12.75
N LEU B 45 11.54 -4.84 -13.77
CA LEU B 45 12.32 -3.69 -14.18
C LEU B 45 11.41 -2.64 -14.74
N ARG B 46 11.91 -1.43 -14.61
CA ARG B 46 11.23 -0.25 -15.14
C ARG B 46 12.21 0.68 -15.79
N LEU B 47 11.83 1.11 -16.99
CA LEU B 47 12.52 2.16 -17.69
C LEU B 47 11.74 3.43 -17.55
N ALA B 48 12.47 4.48 -17.24
CA ALA B 48 11.95 5.85 -17.11
C ALA B 48 12.55 6.61 -18.25
N ASN B 49 11.70 7.00 -19.18
CA ASN B 49 12.16 7.55 -20.45
C ASN B 49 13.33 6.79 -21.05
N GLY B 50 13.22 5.48 -21.16
CA GLY B 50 14.25 4.71 -21.82
C GLY B 50 15.39 4.30 -20.92
N ASP B 51 15.58 5.02 -19.82
CA ASP B 51 16.61 4.67 -18.85
C ASP B 51 16.13 3.72 -17.75
N LEU B 52 16.84 2.62 -17.69
CA LEU B 52 16.51 1.56 -16.79
C LEU B 52 16.99 1.99 -15.43
N ASP B 53 16.05 2.43 -14.60
CA ASP B 53 16.41 3.12 -13.37
C ASP B 53 15.88 2.42 -12.09
N GLN B 54 15.10 1.34 -12.22
CA GLN B 54 14.68 0.57 -11.09
C GLN B 54 14.50 -0.93 -11.52
N TYR B 55 14.84 -1.83 -10.63
CA TYR B 55 14.60 -3.25 -10.80
C TYR B 55 14.51 -3.90 -9.42
N THR B 56 13.88 -5.05 -9.39
CA THR B 56 13.80 -5.90 -8.22
C THR B 56 14.13 -7.30 -8.60
N ASP B 57 14.97 -7.96 -7.82
CA ASP B 57 15.21 -9.40 -7.98
C ASP B 57 15.17 -9.96 -6.57
N ALA B 58 14.14 -10.75 -6.29
CA ALA B 58 13.85 -11.07 -4.93
C ALA B 58 13.16 -12.42 -4.79
N GLY B 59 13.58 -13.17 -3.76
CA GLY B 59 12.91 -14.41 -3.37
C GLY B 59 12.30 -14.22 -2.00
N LYS B 60 11.09 -14.74 -1.81
CA LYS B 60 10.39 -14.59 -0.54
C LYS B 60 9.84 -15.94 -0.09
N PHE B 61 9.60 -16.07 1.21
CA PHE B 61 9.14 -17.31 1.76
C PHE B 61 8.30 -16.98 3.00
N ASN B 62 7.09 -17.51 3.12
CA ASN B 62 6.36 -17.41 4.41
C ASN B 62 5.67 -18.73 4.74
N VAL B 63 5.74 -19.11 6.01
CA VAL B 63 4.91 -20.21 6.55
C VAL B 63 3.98 -19.67 7.61
N GLU B 64 2.72 -20.05 7.50
CA GLU B 64 1.72 -19.83 8.53
C GLU B 64 1.31 -21.14 9.21
N ILE B 65 1.44 -21.13 10.52
CA ILE B 65 1.03 -22.22 11.34
C ILE B 65 -0.26 -21.85 12.05
N LYS B 66 -1.30 -22.65 11.85
CA LYS B 66 -2.52 -22.40 12.57
C LYS B 66 -2.98 -23.63 13.32
N VAL B 67 -3.25 -23.47 14.60
CA VAL B 67 -3.76 -24.55 15.42
C VAL B 67 -5.28 -24.32 15.60
N LEU B 68 -6.05 -25.40 15.58
CA LEU B 68 -7.52 -25.38 15.79
C LEU B 68 -7.88 -26.25 17.02
N LYS B 69 -8.57 -25.64 17.97
CA LYS B 69 -9.08 -26.34 19.15
C LYS B 69 -10.43 -25.77 19.53
N ASP B 70 -11.43 -26.64 19.69
CA ASP B 70 -12.82 -26.24 19.95
C ASP B 70 -13.35 -25.12 19.10
N GLY B 71 -13.16 -25.17 17.79
CA GLY B 71 -13.57 -24.06 16.89
C GLY B 71 -12.83 -22.69 17.00
N LYS B 72 -11.83 -22.56 17.88
CA LYS B 72 -10.94 -21.38 17.96
C LYS B 72 -9.63 -21.71 17.25
N THR B 73 -9.04 -20.69 16.61
CA THR B 73 -7.73 -20.80 15.98
C THR B 73 -6.69 -19.86 16.60
N GLY B 74 -5.43 -20.29 16.55
CA GLY B 74 -4.27 -19.54 17.00
C GLY B 74 -3.27 -19.67 15.88
N THR B 75 -2.70 -18.53 15.45
CA THR B 75 -1.87 -18.46 14.26
C THR B 75 -0.50 -17.85 14.64
N PHE B 76 0.54 -18.35 13.98
CA PHE B 76 1.89 -17.77 14.01
C PHE B 76 2.47 -17.88 12.60
N ARG B 77 3.08 -16.79 12.14
CA ARG B 77 3.71 -16.76 10.84
C ARG B 77 5.20 -16.60 11.00
N THR B 78 5.95 -17.37 10.20
CA THR B 78 7.42 -17.31 10.25
C THR B 78 8.02 -17.40 8.81
N GLN B 79 9.16 -16.75 8.59
CA GLN B 79 9.87 -16.74 7.27
C GLN B 79 11.14 -17.58 7.43
N VAL B 80 11.12 -18.47 8.45
CA VAL B 80 12.22 -19.40 8.77
C VAL B 80 11.71 -20.77 9.29
N LEU B 81 12.08 -21.85 8.60
CA LEU B 81 11.70 -23.21 9.01
C LEU B 81 12.61 -23.75 10.07
N GLU B 82 12.51 -23.24 11.29
CA GLU B 82 13.24 -23.85 12.39
C GLU B 82 12.31 -23.83 13.58
N ASN B 83 12.64 -24.64 14.60
CA ASN B 83 11.97 -24.61 15.88
C ASN B 83 10.44 -24.80 15.79
N PRO B 84 10.00 -25.91 15.17
CA PRO B 84 8.55 -26.20 15.06
C PRO B 84 7.80 -26.24 16.40
N GLU B 85 8.48 -26.81 17.41
N GLU B 85 8.38 -26.80 17.43
CA GLU B 85 8.02 -26.88 18.82
CA GLU B 85 7.66 -26.78 18.70
C GLU B 85 7.63 -25.49 19.38
C GLU B 85 7.44 -25.36 19.18
N LYS B 86 8.45 -24.48 19.11
CA LYS B 86 8.23 -23.12 19.54
C LYS B 86 7.17 -22.37 18.69
N CYS B 87 7.16 -22.62 17.37
CA CYS B 87 6.10 -22.12 16.51
C CYS B 87 4.73 -22.64 16.93
N PHE B 88 4.68 -23.94 17.29
CA PHE B 88 3.45 -24.61 17.72
C PHE B 88 2.95 -23.96 19.00
N GLU B 89 3.83 -23.80 19.97
CA GLU B 89 3.52 -23.18 21.25
C GLU B 89 3.02 -21.76 21.12
N GLU B 90 3.60 -21.01 20.17
CA GLU B 90 3.23 -19.64 19.94
C GLU B 90 1.83 -19.62 19.36
N ALA B 91 1.55 -20.46 18.37
CA ALA B 91 0.20 -20.52 17.78
C ALA B 91 -0.81 -20.91 18.82
N LEU B 92 -0.44 -21.90 19.61
CA LEU B 92 -1.28 -22.38 20.70
C LEU B 92 -1.59 -21.27 21.73
N SER B 93 -0.62 -20.43 22.09
CA SER B 93 -0.87 -19.36 23.06
C SER B 93 -1.84 -18.29 22.50
N ASN B 94 -1.96 -18.22 21.19
CA ASN B 94 -2.80 -17.27 20.54
C ASN B 94 -4.28 -17.68 20.48
N LEU B 95 -4.58 -18.91 20.89
CA LEU B 95 -5.97 -19.36 20.96
C LEU B 95 -6.85 -18.47 21.86
N GLN B 96 -6.25 -17.86 22.86
CA GLN B 96 -6.90 -16.87 23.73
C GLN B 96 -7.38 -15.58 23.12
N VAL B 97 -6.99 -15.26 21.89
CA VAL B 97 -7.09 -13.87 21.44
C VAL B 97 -8.51 -13.40 21.05
N LYS B 98 -9.31 -14.19 20.34
CA LYS B 98 -10.76 -13.87 20.21
C LYS B 98 -11.62 -14.89 20.91
N LYS B 103 -17.47 -22.18 16.32
CA LYS B 103 -17.35 -21.40 15.10
C LYS B 103 -16.41 -22.08 14.10
N GLU B 104 -15.06 -21.91 14.22
CA GLU B 104 -14.13 -22.19 13.06
C GLU B 104 -13.77 -23.62 12.75
N TYR B 105 -13.43 -23.83 11.48
CA TYR B 105 -13.13 -25.16 10.92
C TYR B 105 -12.02 -25.05 9.85
N PHE B 106 -11.28 -26.14 9.70
CA PHE B 106 -10.38 -26.29 8.62
C PHE B 106 -11.11 -27.08 7.55
N PHE B 107 -10.67 -26.91 6.32
CA PHE B 107 -11.11 -27.75 5.25
C PHE B 107 -10.45 -29.09 5.36
N GLU B 108 -11.28 -30.11 5.19
CA GLU B 108 -10.86 -31.50 5.33
C GLU B 108 -10.18 -32.09 4.06
N GLY B 109 -9.52 -33.18 4.25
CA GLY B 109 -8.96 -33.85 3.04
C GLY B 109 -10.00 -34.28 1.94
N GLY B 110 -9.49 -35.00 0.96
CA GLY B 110 -10.34 -35.89 0.15
C GLY B 110 -11.19 -35.35 -0.99
N LYS B 111 -11.17 -34.06 -1.29
CA LYS B 111 -11.92 -33.54 -2.43
C LYS B 111 -11.05 -33.56 -3.71
N GLU B 112 -11.71 -33.46 -4.84
CA GLU B 112 -11.03 -33.46 -6.13
C GLU B 112 -10.81 -32.02 -6.59
N TYR B 113 -9.66 -31.77 -7.21
CA TYR B 113 -9.26 -30.41 -7.67
C TYR B 113 -9.15 -30.47 -9.18
N ARG B 114 -9.42 -29.34 -9.83
CA ARG B 114 -9.29 -29.25 -11.27
C ARG B 114 -7.80 -29.21 -11.59
N GLU B 115 -7.44 -29.97 -12.58
CA GLU B 115 -6.08 -29.98 -13.09
C GLU B 115 -5.92 -28.86 -14.09
N MET B 116 -4.88 -28.05 -13.92
CA MET B 116 -4.72 -26.86 -14.75
C MET B 116 -3.25 -26.49 -14.90
N GLU B 117 -2.91 -25.97 -16.08
CA GLU B 117 -1.55 -25.64 -16.47
C GLU B 117 -1.22 -24.20 -16.06
N THR B 118 -0.85 -24.03 -14.79
CA THR B 118 -0.57 -22.72 -14.28
C THR B 118 0.90 -22.42 -14.26
N TYR B 119 1.74 -23.45 -14.45
CA TYR B 119 3.16 -23.27 -14.38
C TYR B 119 3.76 -23.77 -15.69
N VAL B 120 4.43 -22.91 -16.40
CA VAL B 120 5.03 -23.29 -17.67
C VAL B 120 6.56 -23.39 -17.57
N GLY B 121 7.21 -22.49 -16.84
CA GLY B 121 8.65 -22.59 -16.61
C GLY B 121 9.56 -21.92 -17.64
N ARG B 122 9.03 -21.04 -18.50
CA ARG B 122 9.80 -20.43 -19.53
C ARG B 122 10.35 -19.08 -19.14
N PHE B 123 9.58 -18.29 -18.43
CA PHE B 123 10.10 -17.03 -17.94
C PHE B 123 11.43 -17.22 -17.19
N GLU B 124 11.52 -18.28 -16.39
CA GLU B 124 12.68 -18.55 -15.56
C GLU B 124 13.88 -18.94 -16.34
N LYS B 125 13.68 -19.39 -17.56
CA LYS B 125 14.77 -19.75 -18.44
C LYS B 125 15.41 -18.51 -19.09
N LEU B 126 14.70 -17.40 -19.14
CA LEU B 126 15.24 -16.18 -19.75
C LEU B 126 16.43 -15.62 -18.98
N SER B 127 17.43 -15.15 -19.70
CA SER B 127 18.52 -14.39 -19.08
C SER B 127 18.06 -12.99 -18.68
N VAL B 128 18.85 -12.32 -17.83
CA VAL B 128 18.54 -10.96 -17.41
C VAL B 128 18.62 -10.02 -18.62
N LYS B 129 19.58 -10.27 -19.50
CA LYS B 129 19.72 -9.50 -20.70
C LYS B 129 18.50 -9.62 -21.62
N GLU B 130 17.95 -10.82 -21.72
CA GLU B 130 16.75 -11.02 -22.53
C GLU B 130 15.54 -10.24 -22.00
N LYS B 131 15.37 -10.20 -20.68
CA LYS B 131 14.29 -9.47 -20.04
C LYS B 131 14.47 -7.99 -20.30
N MET B 132 15.72 -7.54 -20.12
N MET B 132 15.68 -7.52 -20.14
CA MET B 132 16.14 -6.15 -20.37
CA MET B 132 15.95 -6.12 -20.41
C MET B 132 15.93 -5.77 -21.87
C MET B 132 15.70 -5.84 -21.89
N ASP B 133 16.17 -6.72 -22.78
CA ASP B 133 16.00 -6.50 -24.21
C ASP B 133 14.51 -6.42 -24.56
N MET B 134 13.64 -7.12 -23.82
CA MET B 134 12.20 -7.03 -24.07
C MET B 134 11.65 -5.66 -23.76
N ALA B 135 12.01 -5.16 -22.59
CA ALA B 135 11.64 -3.81 -22.16
C ALA B 135 12.25 -2.74 -23.06
N LYS B 136 13.54 -2.86 -23.43
CA LYS B 136 14.09 -1.92 -24.41
C LYS B 136 13.40 -1.91 -25.82
N LYS B 137 13.03 -3.07 -26.33
CA LYS B 137 12.31 -3.14 -27.60
C LYS B 137 10.92 -2.52 -27.47
N ALA B 138 10.22 -2.68 -26.35
CA ALA B 138 8.95 -1.99 -26.19
C ALA B 138 9.14 -0.45 -26.19
N HIS B 139 10.20 0.02 -25.53
CA HIS B 139 10.50 1.46 -25.48
C HIS B 139 10.81 1.97 -26.89
N GLU B 140 11.71 1.32 -27.61
CA GLU B 140 12.07 1.71 -29.01
C GLU B 140 10.84 1.81 -29.92
N SER B 141 10.01 0.79 -29.86
CA SER B 141 8.77 0.73 -30.62
C SER B 141 7.78 1.83 -30.23
N ALA B 142 7.66 2.13 -28.95
CA ALA B 142 6.84 3.27 -28.48
C ALA B 142 7.41 4.63 -28.88
N ALA B 143 8.73 4.78 -28.88
CA ALA B 143 9.41 6.04 -29.24
C ALA B 143 9.55 6.31 -30.74
N LYS B 144 9.32 5.30 -31.58
CA LYS B 144 9.63 5.40 -33.00
C LYS B 144 8.88 6.55 -33.74
N ASP B 145 7.59 6.73 -33.52
CA ASP B 145 6.88 7.79 -34.21
C ASP B 145 7.32 9.17 -33.67
N GLU B 146 7.54 10.09 -34.59
CA GLU B 146 8.06 11.43 -34.28
C GLU B 146 7.06 12.24 -33.43
N ARG B 147 5.77 11.91 -33.50
CA ARG B 147 4.75 12.53 -32.68
C ARG B 147 4.80 12.16 -31.19
N VAL B 148 5.54 11.10 -30.84
CA VAL B 148 5.69 10.72 -29.44
C VAL B 148 6.78 11.60 -28.88
N VAL B 149 6.44 12.34 -27.81
CA VAL B 149 7.39 13.22 -27.17
C VAL B 149 8.34 12.38 -26.34
N MET B 150 7.75 11.49 -25.55
CA MET B 150 8.55 10.61 -24.75
C MET B 150 7.74 9.39 -24.34
N VAL B 151 8.45 8.46 -23.70
CA VAL B 151 7.90 7.21 -23.25
C VAL B 151 8.19 7.09 -21.76
N PRO B 152 7.32 7.68 -20.92
CA PRO B 152 7.64 7.84 -19.51
C PRO B 152 7.91 6.54 -18.76
N THR B 153 7.15 5.49 -19.07
CA THR B 153 7.29 4.24 -18.38
C THR B 153 7.22 3.05 -19.32
N VAL B 154 8.18 2.16 -19.14
CA VAL B 154 8.03 0.75 -19.55
C VAL B 154 8.33 -0.15 -18.32
N MET B 155 7.44 -1.10 -18.04
CA MET B 155 7.58 -2.02 -16.95
C MET B 155 7.46 -3.47 -17.40
N TYR B 156 8.42 -4.28 -16.95
CA TYR B 156 8.46 -5.70 -17.13
C TYR B 156 8.42 -6.37 -15.73
N LYS B 157 7.62 -7.39 -15.56
CA LYS B 157 7.67 -8.21 -14.38
C LYS B 157 7.39 -9.67 -14.73
N ASP B 158 8.12 -10.57 -14.07
CA ASP B 158 7.75 -11.98 -14.08
C ASP B 158 7.84 -12.52 -12.65
N MET B 159 7.14 -13.62 -12.38
CA MET B 159 7.07 -14.15 -11.04
C MET B 159 6.81 -15.64 -11.12
N VAL B 160 7.32 -16.38 -10.14
CA VAL B 160 6.94 -17.78 -9.92
C VAL B 160 6.54 -17.92 -8.47
N ILE B 161 5.43 -18.60 -8.26
CA ILE B 161 4.86 -18.79 -6.94
C ILE B 161 4.60 -20.31 -6.70
N LYS B 162 4.99 -20.81 -5.54
CA LYS B 162 4.59 -22.14 -5.12
C LYS B 162 3.84 -22.04 -3.81
N LYS B 163 2.72 -22.73 -3.75
CA LYS B 163 1.80 -22.73 -2.62
C LYS B 163 1.64 -24.17 -2.18
N ILE B 164 1.71 -24.42 -0.86
CA ILE B 164 1.31 -25.70 -0.24
C ILE B 164 0.41 -25.41 0.94
N ILE B 165 -0.66 -26.18 1.10
CA ILE B 165 -1.51 -26.09 2.29
C ILE B 165 -1.79 -27.52 2.69
N THR B 166 -1.52 -27.78 3.95
CA THR B 166 -1.72 -29.12 4.49
C THR B 166 -2.19 -29.03 5.92
N ASN B 167 -3.01 -29.98 6.32
CA ASN B 167 -3.47 -30.06 7.67
C ASN B 167 -3.72 -31.51 8.13
N THR B 168 -3.98 -31.63 9.43
CA THR B 168 -4.12 -32.94 10.10
C THR B 168 -5.49 -33.58 9.86
N LEU B 169 -6.38 -32.90 9.13
N LEU B 169 -6.39 -32.93 9.12
CA LEU B 169 -7.66 -33.46 8.73
CA LEU B 169 -7.67 -33.53 8.70
C LEU B 169 -7.47 -34.34 7.48
C LEU B 169 -7.57 -34.04 7.25
N GLY B 170 -6.35 -34.18 6.75
CA GLY B 170 -6.09 -34.89 5.52
C GLY B 170 -5.83 -33.98 4.31
N LEU B 171 -5.94 -32.67 4.48
CA LEU B 171 -5.63 -31.74 3.42
C LEU B 171 -4.15 -31.80 3.12
N ASP B 172 -3.83 -31.93 1.85
CA ASP B 172 -2.45 -31.77 1.38
C ASP B 172 -2.51 -31.38 -0.07
N VAL B 173 -2.33 -30.10 -0.38
CA VAL B 173 -2.42 -29.65 -1.77
C VAL B 173 -1.24 -28.74 -2.09
N GLU B 174 -0.84 -28.72 -3.36
CA GLU B 174 0.32 -27.96 -3.82
C GLU B 174 0.03 -27.47 -5.21
N SER B 175 0.50 -26.26 -5.54
CA SER B 175 0.41 -25.72 -6.86
C SER B 175 1.54 -24.75 -7.12
N GLN B 176 1.96 -24.67 -8.38
CA GLN B 176 2.90 -23.68 -8.84
C GLN B 176 2.31 -22.88 -9.99
N MET B 177 2.63 -21.60 -10.06
CA MET B 177 2.10 -20.71 -11.07
C MET B 177 3.24 -19.79 -11.47
N ASP B 178 3.31 -19.42 -12.76
CA ASP B 178 4.21 -18.39 -13.21
C ASP B 178 3.52 -17.55 -14.28
N GLY B 179 4.22 -16.52 -14.74
CA GLY B 179 3.63 -15.58 -15.67
C GLY B 179 4.35 -14.26 -15.60
N GLY B 180 3.97 -13.37 -16.48
CA GLY B 180 4.69 -12.13 -16.71
C GLY B 180 3.80 -11.09 -17.31
N PHE B 181 4.33 -9.88 -17.34
CA PHE B 181 3.63 -8.69 -17.73
C PHE B 181 4.63 -7.73 -18.40
N LEU B 182 4.15 -7.03 -19.43
CA LEU B 182 4.87 -5.93 -20.04
C LEU B 182 3.92 -4.79 -20.36
N PHE B 183 4.32 -3.59 -19.97
CA PHE B 183 3.53 -2.43 -20.00
C PHE B 183 4.37 -1.27 -20.51
N ALA B 184 3.77 -0.47 -21.40
CA ALA B 184 4.33 0.77 -21.86
C ALA B 184 3.34 1.92 -21.84
N MET B 185 3.86 3.11 -21.56
CA MET B 185 3.08 4.33 -21.60
C MET B 185 3.82 5.40 -22.43
N ALA B 186 3.12 6.04 -23.35
CA ALA B 186 3.74 7.03 -24.20
C ALA B 186 2.97 8.34 -24.09
N ILE B 187 3.66 9.44 -24.42
CA ILE B 187 3.05 10.75 -24.53
C ILE B 187 3.25 11.33 -25.94
N ALA B 188 2.16 11.84 -26.50
CA ALA B 188 2.12 12.35 -27.89
C ALA B 188 1.95 13.85 -27.86
N ARG B 189 2.52 14.50 -28.85
CA ARG B 189 2.62 15.93 -28.88
C ARG B 189 1.31 16.54 -29.33
N ASP B 190 0.84 17.51 -28.55
CA ASP B 190 -0.38 18.22 -28.84
C ASP B 190 -0.40 19.52 -28.00
N ALA B 191 -1.44 20.33 -28.15
CA ALA B 191 -1.52 21.61 -27.45
C ALA B 191 -1.44 21.33 -25.96
N ASN B 192 -2.18 20.31 -25.57
CA ASN B 192 -2.08 19.56 -24.30
C ASN B 192 -1.56 18.15 -24.60
N PRO B 193 -0.44 17.76 -23.98
CA PRO B 193 0.09 16.41 -24.21
C PRO B 193 -0.91 15.30 -24.01
N ARG B 194 -0.88 14.28 -24.87
CA ARG B 194 -1.81 13.16 -24.84
C ARG B 194 -1.11 11.89 -24.40
N SER B 195 -1.70 11.19 -23.43
CA SER B 195 -1.08 9.97 -22.96
C SER B 195 -1.86 8.73 -23.43
N GLY B 196 -1.11 7.65 -23.58
CA GLY B 196 -1.66 6.38 -23.99
C GLY B 196 -0.85 5.26 -23.41
N SER B 197 -1.47 4.09 -23.26
CA SER B 197 -0.70 2.98 -22.74
C SER B 197 -1.27 1.66 -23.20
N TRP B 198 -0.51 0.63 -22.95
CA TRP B 198 -0.94 -0.74 -23.26
C TRP B 198 -0.14 -1.71 -22.45
N TYR B 199 -0.74 -2.87 -22.16
CA TYR B 199 -0.04 -3.97 -21.48
C TYR B 199 -0.51 -5.28 -22.04
N GLU B 200 0.33 -6.28 -21.87
CA GLU B 200 -0.07 -7.66 -22.10
C GLU B 200 0.36 -8.48 -20.83
N LEU B 201 -0.52 -9.36 -20.42
CA LEU B 201 -0.27 -10.40 -19.38
C LEU B 201 -0.15 -11.74 -20.09
N ALA B 202 0.82 -12.53 -19.72
CA ALA B 202 1.01 -13.85 -20.33
C ALA B 202 1.66 -14.85 -19.39
N ARG B 203 1.46 -16.13 -19.71
CA ARG B 203 2.08 -17.23 -18.98
C ARG B 203 3.45 -17.61 -19.51
N THR B 204 3.81 -17.22 -20.75
CA THR B 204 5.11 -17.42 -21.31
C THR B 204 5.57 -16.15 -22.07
N PRO B 205 6.86 -15.94 -22.14
CA PRO B 205 7.35 -14.75 -22.74
C PRO B 205 7.07 -14.69 -24.25
N GLU B 206 6.91 -15.85 -24.88
CA GLU B 206 6.62 -15.97 -26.32
C GLU B 206 5.28 -15.33 -26.63
N ASP B 207 4.41 -15.24 -25.63
CA ASP B 207 3.13 -14.53 -25.80
C ASP B 207 3.16 -13.05 -25.49
N LEU B 208 4.32 -12.55 -25.09
CA LEU B 208 4.42 -11.10 -24.99
C LEU B 208 5.07 -10.62 -26.28
N ASN B 209 4.51 -9.59 -26.86
CA ASN B 209 5.12 -9.01 -28.07
C ASN B 209 5.53 -7.56 -27.79
N PRO B 210 6.81 -7.32 -27.53
CA PRO B 210 7.23 -5.99 -27.07
C PRO B 210 7.06 -4.90 -28.10
N GLU B 211 7.39 -5.21 -29.36
CA GLU B 211 7.17 -4.29 -30.46
C GLU B 211 5.70 -3.86 -30.55
N GLU B 212 4.77 -4.81 -30.52
CA GLU B 212 3.35 -4.48 -30.53
C GLU B 212 2.85 -3.69 -29.31
N ILE B 213 3.34 -4.00 -28.10
CA ILE B 213 2.93 -3.30 -26.90
C ILE B 213 3.38 -1.84 -26.96
N GLY B 214 4.67 -1.63 -27.33
CA GLY B 214 5.18 -0.30 -27.53
C GLY B 214 4.40 0.48 -28.59
N LYS B 215 4.15 -0.16 -29.73
CA LYS B 215 3.46 0.52 -30.85
C LYS B 215 2.05 0.92 -30.44
N ARG B 216 1.38 0.01 -29.77
CA ARG B 216 0.02 0.26 -29.30
C ARG B 216 -0.06 1.40 -28.28
N ALA B 217 0.84 1.41 -27.30
CA ALA B 217 0.93 2.58 -26.42
C ALA B 217 1.04 3.88 -27.24
N ALA B 218 1.92 3.92 -28.25
CA ALA B 218 2.08 5.13 -29.05
C ALA B 218 0.79 5.42 -29.84
N GLU B 219 0.18 4.38 -30.44
CA GLU B 219 -1.07 4.59 -31.19
C GLU B 219 -2.14 5.20 -30.31
N GLU B 220 -2.25 4.69 -29.08
CA GLU B 220 -3.26 5.18 -28.14
C GLU B 220 -3.06 6.66 -27.87
N ALA B 221 -1.80 7.08 -27.65
CA ALA B 221 -1.52 8.48 -27.40
C ALA B 221 -1.78 9.35 -28.66
N ILE B 222 -1.25 8.89 -29.80
CA ILE B 222 -1.35 9.62 -31.05
C ILE B 222 -2.83 9.84 -31.45
N SER B 223 -3.68 8.87 -31.19
CA SER B 223 -5.11 8.95 -31.59
C SER B 223 -5.88 10.03 -30.87
N LEU B 224 -5.36 10.52 -29.73
CA LEU B 224 -5.97 11.57 -28.94
C LEU B 224 -5.51 12.99 -29.34
N ILE B 225 -4.53 13.06 -30.23
CA ILE B 225 -4.12 14.34 -30.75
C ILE B 225 -5.31 14.98 -31.44
N GLY B 226 -5.55 16.25 -31.10
CA GLY B 226 -6.71 16.99 -31.59
C GLY B 226 -8.00 16.71 -30.83
N SER B 227 -7.91 16.15 -29.63
CA SER B 227 -9.09 15.98 -28.76
C SER B 227 -9.82 17.28 -28.50
N LYS B 228 -11.13 17.16 -28.38
CA LYS B 228 -12.04 18.28 -28.23
C LYS B 228 -12.97 18.00 -27.05
N THR B 229 -13.47 19.08 -26.51
CA THR B 229 -14.47 19.02 -25.48
C THR B 229 -15.80 18.60 -26.10
N ILE B 230 -16.68 18.00 -25.31
CA ILE B 230 -18.10 17.82 -25.71
C ILE B 230 -19.03 18.25 -24.59
N PRO B 231 -20.26 18.65 -24.92
CA PRO B 231 -21.21 19.11 -23.91
C PRO B 231 -21.56 18.01 -22.93
N SER B 232 -21.64 18.37 -21.67
CA SER B 232 -21.95 17.39 -20.67
C SER B 232 -23.39 16.92 -20.96
N GLY B 233 -23.61 15.63 -20.73
CA GLY B 233 -24.94 15.06 -20.88
C GLY B 233 -24.97 13.54 -20.82
N LYS B 234 -26.14 13.01 -21.15
CA LYS B 234 -26.40 11.58 -21.22
C LYS B 234 -26.15 11.06 -22.62
N TYR B 235 -25.19 10.15 -22.75
CA TYR B 235 -24.85 9.60 -24.05
C TYR B 235 -24.80 8.09 -24.04
N PRO B 236 -25.09 7.47 -25.21
CA PRO B 236 -24.67 6.09 -25.36
C PRO B 236 -23.16 5.98 -25.25
N VAL B 237 -22.69 4.89 -24.63
CA VAL B 237 -21.28 4.67 -24.37
C VAL B 237 -20.86 3.28 -24.79
N LEU B 238 -19.89 3.23 -25.70
CA LEU B 238 -19.21 2.03 -25.99
C LEU B 238 -18.02 1.97 -25.08
N MET B 239 -18.09 1.13 -24.03
CA MET B 239 -17.02 1.01 -23.10
C MET B 239 -16.05 -0.06 -23.59
N ARG B 240 -14.85 0.38 -23.92
CA ARG B 240 -13.88 -0.55 -24.46
C ARG B 240 -13.41 -1.54 -23.39
N ASN B 241 -13.03 -2.77 -23.79
CA ASN B 241 -12.57 -3.79 -22.87
C ASN B 241 -11.59 -3.26 -21.76
N THR B 242 -10.59 -2.46 -22.16
CA THR B 242 -9.59 -1.94 -21.26
C THR B 242 -10.24 -1.12 -20.12
N ALA B 243 -11.30 -0.35 -20.40
CA ALA B 243 -11.96 0.48 -19.35
C ALA B 243 -12.85 -0.43 -18.47
N LEU B 244 -13.54 -1.37 -19.11
CA LEU B 244 -14.46 -2.26 -18.41
C LEU B 244 -13.71 -3.20 -17.46
N LEU B 245 -12.55 -3.67 -17.92
CA LEU B 245 -11.70 -4.52 -17.12
C LEU B 245 -11.41 -3.90 -15.74
N ASP B 246 -11.13 -2.60 -15.75
CA ASP B 246 -10.85 -1.82 -14.53
C ASP B 246 -12.14 -1.53 -13.74
N LEU B 247 -13.17 -1.09 -14.44
CA LEU B 247 -14.43 -0.76 -13.79
C LEU B 247 -15.02 -1.97 -13.05
N MET B 248 -14.94 -3.14 -13.67
CA MET B 248 -15.53 -4.36 -13.13
C MET B 248 -14.99 -4.74 -11.76
N GLU B 249 -13.82 -4.21 -11.42
CA GLU B 249 -13.20 -4.54 -10.16
C GLU B 249 -14.10 -4.10 -8.99
N MET B 250 -14.89 -3.05 -9.20
CA MET B 250 -15.78 -2.61 -8.13
C MET B 250 -16.90 -3.61 -7.84
N PHE B 251 -17.19 -4.50 -8.77
CA PHE B 251 -18.18 -5.58 -8.55
C PHE B 251 -17.69 -6.63 -7.54
N ILE B 252 -16.38 -6.78 -7.43
CA ILE B 252 -15.79 -7.86 -6.63
C ILE B 252 -16.18 -7.80 -5.14
N PRO B 253 -16.00 -6.67 -4.48
CA PRO B 253 -16.53 -6.65 -3.07
C PRO B 253 -18.07 -6.87 -2.96
N MET B 254 -18.84 -6.47 -3.98
CA MET B 254 -20.27 -6.61 -3.93
C MET B 254 -20.72 -8.05 -3.85
N ILE B 255 -19.93 -8.96 -4.40
CA ILE B 255 -20.38 -10.36 -4.48
C ILE B 255 -19.81 -11.28 -3.38
N SER B 256 -18.98 -10.71 -2.52
CA SER B 256 -18.47 -11.37 -1.31
C SER B 256 -19.64 -11.59 -0.36
N ALA B 257 -19.89 -12.85 0.03
CA ALA B 257 -20.93 -13.10 1.02
C ALA B 257 -20.70 -12.45 2.36
N GLU B 258 -19.45 -12.23 2.71
CA GLU B 258 -19.09 -11.57 3.96
C GLU B 258 -19.55 -10.10 3.92
N ASN B 259 -19.19 -9.40 2.84
CA ASN B 259 -19.62 -7.99 2.65
C ASN B 259 -21.14 -7.90 2.62
N VAL B 260 -21.79 -8.89 2.00
CA VAL B 260 -23.25 -8.90 1.94
C VAL B 260 -23.83 -8.98 3.38
N GLN B 261 -23.30 -9.92 4.16
CA GLN B 261 -23.77 -10.11 5.57
C GLN B 261 -23.49 -8.86 6.40
N LYS B 262 -22.38 -8.20 6.14
CA LYS B 262 -22.03 -7.00 6.91
C LYS B 262 -22.66 -5.72 6.38
N ASN B 263 -23.60 -5.81 5.43
CA ASN B 263 -24.28 -4.59 4.88
C ASN B 263 -23.33 -3.66 4.16
N LEU B 264 -22.34 -4.24 3.46
CA LEU B 264 -21.38 -3.47 2.67
C LEU B 264 -21.50 -3.78 1.21
N SER B 265 -22.65 -4.31 0.79
CA SER B 265 -22.90 -4.60 -0.61
C SER B 265 -24.31 -4.19 -1.00
N PRO B 266 -24.48 -3.58 -2.19
CA PRO B 266 -25.78 -3.20 -2.67
C PRO B 266 -26.55 -4.40 -3.21
N LEU B 267 -25.98 -5.62 -3.17
CA LEU B 267 -26.68 -6.82 -3.66
C LEU B 267 -27.44 -7.63 -2.60
N LYS B 268 -27.50 -7.14 -1.37
CA LYS B 268 -28.14 -7.89 -0.30
C LYS B 268 -29.64 -8.06 -0.65
N GLY B 269 -30.15 -9.27 -0.48
CA GLY B 269 -31.54 -9.55 -0.83
C GLY B 269 -31.80 -9.71 -2.32
N LYS B 270 -30.75 -9.65 -3.17
CA LYS B 270 -30.97 -9.69 -4.64
C LYS B 270 -30.77 -11.05 -5.34
N LEU B 271 -30.56 -12.11 -4.61
CA LEU B 271 -30.32 -13.41 -5.23
C LEU B 271 -31.57 -13.78 -6.00
N GLY B 272 -31.42 -14.19 -7.26
CA GLY B 272 -32.60 -14.50 -8.09
C GLY B 272 -33.21 -13.31 -8.81
N GLU B 273 -32.67 -12.11 -8.60
CA GLU B 273 -33.23 -10.94 -9.27
C GLU B 273 -32.44 -10.64 -10.53
N GLN B 274 -33.06 -9.88 -11.41
CA GLN B 274 -32.44 -9.38 -12.63
C GLN B 274 -31.66 -8.12 -12.37
N VAL B 275 -30.45 -8.36 -11.96
CA VAL B 275 -29.52 -7.30 -11.59
C VAL B 275 -28.89 -6.68 -12.86
N GLY B 276 -28.76 -7.49 -13.88
CA GLY B 276 -28.13 -7.07 -15.14
C GLY B 276 -29.08 -7.20 -16.34
N ASN B 277 -28.65 -6.65 -17.47
CA ASN B 277 -29.36 -6.87 -18.69
C ASN B 277 -29.30 -8.37 -19.01
N PRO B 278 -30.38 -8.93 -19.61
CA PRO B 278 -30.30 -10.34 -20.05
C PRO B 278 -29.07 -10.66 -20.94
N ALA B 279 -28.50 -9.66 -21.60
CA ALA B 279 -27.29 -9.83 -22.38
C ALA B 279 -26.00 -10.08 -21.50
N VAL B 280 -26.06 -9.92 -20.19
CA VAL B 280 -24.89 -9.95 -19.33
C VAL B 280 -24.84 -11.26 -18.56
N SER B 281 -23.84 -12.09 -18.83
CA SER B 281 -23.48 -13.21 -17.95
C SER B 281 -22.04 -12.99 -17.51
N ILE B 282 -21.82 -13.20 -16.23
CA ILE B 282 -20.55 -13.06 -15.60
C ILE B 282 -20.31 -14.35 -14.81
N LYS B 283 -19.15 -14.97 -15.11
CA LYS B 283 -18.72 -16.18 -14.48
C LYS B 283 -17.51 -15.95 -13.61
N ASP B 284 -17.37 -16.80 -12.61
CA ASP B 284 -16.08 -17.01 -11.92
C ASP B 284 -15.46 -18.31 -12.40
N LEU B 285 -14.29 -18.15 -12.97
CA LEU B 285 -13.61 -19.26 -13.68
C LEU B 285 -12.28 -19.56 -12.97
N PRO B 286 -12.07 -20.83 -12.57
CA PRO B 286 -10.79 -21.21 -11.97
C PRO B 286 -9.57 -20.99 -12.83
N TYR B 287 -9.72 -21.07 -14.15
CA TYR B 287 -8.60 -21.01 -15.08
C TYR B 287 -8.92 -20.22 -16.36
N HIS B 288 -7.93 -19.42 -16.76
CA HIS B 288 -7.78 -18.84 -18.12
C HIS B 288 -6.29 -18.86 -18.41
N PRO B 289 -5.90 -19.21 -19.65
CA PRO B 289 -4.47 -19.26 -20.02
C PRO B 289 -3.65 -18.05 -19.69
N LYS B 290 -4.27 -16.87 -19.71
CA LYS B 290 -3.56 -15.65 -19.42
C LYS B 290 -4.03 -15.02 -18.10
N GLY B 291 -4.85 -15.76 -17.35
CA GLY B 291 -5.35 -15.29 -16.04
C GLY B 291 -4.35 -15.73 -14.99
N LEU B 292 -3.43 -14.84 -14.62
CA LEU B 292 -2.25 -15.25 -13.81
C LEU B 292 -2.57 -15.54 -12.35
N SER B 293 -3.80 -15.23 -11.93
N SER B 293 -3.79 -15.24 -11.91
CA SER B 293 -4.24 -15.62 -10.58
CA SER B 293 -4.24 -15.66 -10.57
C SER B 293 -4.88 -17.03 -10.59
C SER B 293 -5.02 -17.00 -10.61
N SER B 294 -5.02 -17.64 -11.78
CA SER B 294 -5.70 -18.97 -11.93
C SER B 294 -5.06 -19.99 -10.95
N THR B 295 -5.87 -20.77 -10.28
CA THR B 295 -5.40 -21.66 -9.21
C THR B 295 -6.48 -22.70 -8.94
N PRO B 296 -6.07 -23.94 -8.62
CA PRO B 296 -7.01 -25.03 -8.29
C PRO B 296 -7.60 -25.00 -6.91
N PHE B 297 -7.06 -24.18 -6.03
CA PHE B 297 -7.53 -24.07 -4.67
C PHE B 297 -7.35 -22.70 -4.09
N ASP B 298 -8.22 -22.37 -3.14
CA ASP B 298 -8.19 -21.10 -2.46
C ASP B 298 -7.22 -21.17 -1.25
N ASP B 299 -7.14 -20.07 -0.48
CA ASP B 299 -6.22 -20.01 0.62
C ASP B 299 -6.71 -20.87 1.84
N GLU B 300 -7.88 -21.48 1.73
CA GLU B 300 -8.37 -22.45 2.72
C GLU B 300 -8.21 -23.92 2.25
N GLY B 301 -7.68 -24.07 1.04
CA GLY B 301 -7.47 -25.39 0.44
C GLY B 301 -8.69 -25.93 -0.25
N VAL B 302 -9.76 -25.14 -0.30
CA VAL B 302 -10.96 -25.54 -0.98
C VAL B 302 -10.78 -25.52 -2.49
N PRO B 303 -11.22 -26.58 -3.20
CA PRO B 303 -11.16 -26.47 -4.65
C PRO B 303 -11.92 -25.26 -5.20
N THR B 304 -11.25 -24.58 -6.12
CA THR B 304 -11.91 -23.53 -6.90
C THR B 304 -12.93 -24.17 -7.86
N THR B 305 -14.01 -23.46 -8.12
CA THR B 305 -15.14 -23.93 -8.87
C THR B 305 -15.51 -22.87 -9.97
N GLU B 306 -16.16 -23.36 -11.02
CA GLU B 306 -16.68 -22.55 -12.10
C GLU B 306 -18.17 -22.40 -11.88
N LYS B 307 -18.63 -21.17 -11.96
CA LYS B 307 -20.07 -20.90 -11.76
C LYS B 307 -20.47 -19.55 -12.34
N PHE B 308 -21.77 -19.40 -12.67
CA PHE B 308 -22.31 -18.10 -13.06
C PHE B 308 -22.55 -17.31 -11.79
N VAL B 309 -22.03 -16.11 -11.76
CA VAL B 309 -22.43 -15.11 -10.76
C VAL B 309 -23.74 -14.42 -11.26
N LEU B 310 -23.68 -13.91 -12.47
CA LEU B 310 -24.81 -13.50 -13.23
C LEU B 310 -24.99 -14.42 -14.41
N GLU B 311 -26.23 -14.85 -14.61
CA GLU B 311 -26.62 -15.64 -15.76
C GLU B 311 -27.82 -14.99 -16.43
N ASN B 312 -27.62 -14.50 -17.66
CA ASN B 312 -28.59 -13.71 -18.38
C ASN B 312 -29.16 -12.64 -17.48
N GLY B 313 -28.27 -11.93 -16.78
CA GLY B 313 -28.62 -10.81 -15.91
C GLY B 313 -29.07 -11.16 -14.50
N VAL B 314 -29.32 -12.44 -14.24
CA VAL B 314 -29.91 -12.88 -13.00
C VAL B 314 -28.79 -13.27 -12.03
N LEU B 315 -28.86 -12.73 -10.82
CA LEU B 315 -27.88 -13.00 -9.76
C LEU B 315 -28.11 -14.37 -9.16
N LYS B 316 -27.11 -15.23 -9.33
CA LYS B 316 -27.29 -16.64 -9.02
C LYS B 316 -26.68 -17.03 -7.70
N THR B 317 -25.57 -16.39 -7.31
CA THR B 317 -24.86 -16.77 -6.08
C THR B 317 -23.91 -15.68 -5.62
N PHE B 318 -23.64 -15.65 -4.33
CA PHE B 318 -22.50 -14.95 -3.80
C PHE B 318 -21.30 -15.91 -3.73
N LEU B 319 -20.13 -15.32 -3.59
CA LEU B 319 -18.89 -16.03 -3.35
C LEU B 319 -18.66 -16.16 -1.82
N HIS B 320 -18.09 -17.30 -1.42
CA HIS B 320 -17.98 -17.69 -0.01
C HIS B 320 -16.58 -18.12 0.40
N ASN B 321 -16.37 -18.05 1.71
CA ASN B 321 -15.24 -18.68 2.35
C ASN B 321 -15.89 -19.72 3.26
N LEU B 322 -15.09 -20.49 3.97
CA LEU B 322 -15.67 -21.54 4.83
C LEU B 322 -16.64 -20.99 5.85
N LYS B 323 -16.29 -19.86 6.43
CA LYS B 323 -17.12 -19.25 7.47
C LYS B 323 -18.53 -18.84 6.97
N THR B 324 -18.57 -18.07 5.87
CA THR B 324 -19.82 -17.60 5.30
C THR B 324 -20.64 -18.77 4.79
N ALA B 325 -19.99 -19.76 4.21
CA ALA B 325 -20.72 -20.93 3.68
C ALA B 325 -21.41 -21.77 4.77
N ARG B 326 -20.68 -22.08 5.82
CA ARG B 326 -21.25 -22.70 7.01
C ARG B 326 -22.40 -21.87 7.59
N LYS B 327 -22.16 -20.58 7.74
CA LYS B 327 -23.15 -19.69 8.32
C LYS B 327 -24.40 -19.71 7.47
N GLU B 328 -24.29 -19.64 6.14
CA GLU B 328 -25.48 -19.65 5.27
C GLU B 328 -26.01 -21.06 4.94
N GLY B 329 -25.29 -22.11 5.31
CA GLY B 329 -25.67 -23.51 5.03
C GLY B 329 -25.54 -23.95 3.58
N VAL B 330 -24.59 -23.37 2.86
CA VAL B 330 -24.33 -23.71 1.48
C VAL B 330 -22.94 -24.33 1.39
N GLU B 331 -22.64 -24.97 0.27
CA GLU B 331 -21.31 -25.58 0.08
C GLU B 331 -20.27 -24.46 -0.16
N PRO B 332 -19.06 -24.62 0.36
CA PRO B 332 -18.03 -23.62 0.06
C PRO B 332 -17.89 -23.52 -1.46
N THR B 333 -17.54 -22.35 -1.97
CA THR B 333 -17.44 -22.13 -3.40
C THR B 333 -15.97 -22.17 -3.88
N GLY B 334 -15.02 -22.15 -2.94
CA GLY B 334 -13.60 -21.95 -3.26
C GLY B 334 -13.14 -20.53 -3.58
N ASN B 335 -13.61 -19.59 -2.77
CA ASN B 335 -13.27 -18.20 -2.93
C ASN B 335 -12.72 -17.58 -1.66
N GLY B 336 -12.30 -18.40 -0.73
CA GLY B 336 -11.67 -17.88 0.50
C GLY B 336 -10.20 -17.60 0.32
N PHE B 337 -9.89 -16.35 -0.04
CA PHE B 337 -8.53 -15.84 -0.18
C PHE B 337 -8.12 -14.88 0.96
N VAL B 338 -6.83 -14.83 1.29
CA VAL B 338 -6.35 -13.87 2.30
C VAL B 338 -6.72 -12.49 1.83
N GLY B 339 -7.21 -11.64 2.70
CA GLY B 339 -7.56 -10.31 2.17
C GLY B 339 -9.01 -10.14 1.72
N GLY B 340 -9.79 -11.22 1.66
CA GLY B 340 -11.22 -11.12 1.40
C GLY B 340 -11.69 -12.20 0.39
N ILE B 341 -12.98 -12.42 0.32
CA ILE B 341 -13.54 -13.35 -0.63
C ILE B 341 -13.38 -12.68 -2.00
N ARG B 342 -12.85 -13.43 -2.96
CA ARG B 342 -12.68 -12.90 -4.29
C ARG B 342 -12.84 -14.01 -5.38
N PRO B 343 -13.26 -13.63 -6.60
CA PRO B 343 -13.23 -14.56 -7.71
C PRO B 343 -11.80 -14.88 -8.07
N VAL B 344 -11.64 -15.94 -8.83
CA VAL B 344 -10.32 -16.29 -9.41
C VAL B 344 -10.16 -15.45 -10.68
N ASN B 345 -10.98 -15.74 -11.70
CA ASN B 345 -11.07 -14.97 -12.93
C ASN B 345 -12.53 -14.58 -13.13
N LEU B 346 -12.84 -13.31 -13.00
CA LEU B 346 -14.22 -12.82 -13.10
C LEU B 346 -14.38 -12.42 -14.54
N MET B 347 -15.17 -13.18 -15.27
CA MET B 347 -15.29 -13.03 -16.69
C MET B 347 -16.69 -12.63 -17.17
N LEU B 348 -16.77 -11.49 -17.86
CA LEU B 348 -17.98 -11.10 -18.63
C LEU B 348 -17.97 -11.86 -19.95
N MET B 349 -19.01 -12.65 -20.19
CA MET B 349 -19.01 -13.62 -21.25
C MET B 349 -19.26 -12.85 -22.54
N PRO B 350 -18.53 -13.18 -23.63
CA PRO B 350 -18.70 -12.40 -24.86
C PRO B 350 -19.95 -12.70 -25.63
N GLY B 351 -20.37 -11.71 -26.39
CA GLY B 351 -21.35 -11.89 -27.41
C GLY B 351 -20.66 -12.06 -28.75
N GLU B 352 -21.41 -11.77 -29.79
CA GLU B 352 -21.02 -12.01 -31.18
C GLU B 352 -20.42 -10.84 -31.97
N LYS B 353 -20.48 -9.60 -31.49
CA LYS B 353 -20.13 -8.45 -32.30
C LYS B 353 -18.69 -8.00 -32.08
N SER B 354 -17.97 -7.68 -33.16
CA SER B 354 -16.66 -7.01 -33.03
C SER B 354 -16.82 -5.62 -32.46
N PHE B 355 -15.68 -5.00 -32.12
CA PHE B 355 -15.66 -3.60 -31.69
C PHE B 355 -16.23 -2.68 -32.80
N GLU B 356 -15.81 -2.96 -34.03
CA GLU B 356 -16.27 -2.18 -35.19
C GLU B 356 -17.78 -2.27 -35.38
N GLU B 357 -18.31 -3.48 -35.25
CA GLU B 357 -19.75 -3.69 -35.32
C GLU B 357 -20.53 -3.00 -34.20
N LEU B 358 -19.95 -2.97 -32.99
CA LEU B 358 -20.52 -2.24 -31.89
C LEU B 358 -20.56 -0.76 -32.15
N LEU B 359 -19.50 -0.21 -32.73
CA LEU B 359 -19.46 1.21 -33.15
C LEU B 359 -20.59 1.55 -34.12
N LYS B 360 -20.75 0.72 -35.14
CA LYS B 360 -21.83 0.90 -36.12
C LYS B 360 -23.23 0.81 -35.51
N GLU B 361 -23.44 -0.12 -34.57
CA GLU B 361 -24.69 -0.23 -33.86
C GLU B 361 -24.97 1.00 -33.02
N MET B 362 -23.97 1.49 -32.30
CA MET B 362 -24.16 2.68 -31.47
C MET B 362 -24.49 3.91 -32.35
N ASP B 363 -23.72 4.03 -33.45
CA ASP B 363 -23.86 5.08 -34.47
C ASP B 363 -23.37 6.47 -34.04
N ARG B 364 -23.87 6.92 -32.88
CA ARG B 364 -23.49 8.20 -32.34
C ARG B 364 -23.43 8.11 -30.82
N GLY B 365 -22.33 8.56 -30.25
CA GLY B 365 -22.13 8.41 -28.81
C GLY B 365 -20.64 8.53 -28.48
N VAL B 366 -20.31 8.13 -27.29
CA VAL B 366 -18.95 8.22 -26.77
C VAL B 366 -18.32 6.80 -26.64
N VAL B 367 -17.04 6.67 -26.98
CA VAL B 367 -16.23 5.48 -26.65
C VAL B 367 -15.40 5.82 -25.45
N ILE B 368 -15.47 5.01 -24.41
CA ILE B 368 -14.58 5.20 -23.25
C ILE B 368 -13.49 4.15 -23.38
N THR B 369 -12.25 4.58 -23.41
CA THR B 369 -11.14 3.63 -23.54
C THR B 369 -10.39 3.34 -22.23
N GLU B 370 -10.41 4.32 -21.35
CA GLU B 370 -9.79 4.20 -20.02
C GLU B 370 -10.57 5.00 -18.95
N VAL B 371 -10.48 4.51 -17.72
CA VAL B 371 -10.95 5.21 -16.54
C VAL B 371 -9.79 5.30 -15.56
N GLU B 372 -9.77 6.38 -14.81
CA GLU B 372 -8.72 6.59 -13.84
C GLU B 372 -9.39 6.94 -12.52
N GLY B 373 -8.71 6.69 -11.41
CA GLY B 373 -9.15 7.15 -10.11
C GLY B 373 -10.16 6.25 -9.39
N MET B 374 -10.11 4.94 -9.62
CA MET B 374 -11.08 4.01 -9.03
C MET B 374 -11.03 4.01 -7.50
N HIS B 375 -9.82 4.04 -6.97
CA HIS B 375 -9.63 4.06 -5.53
C HIS B 375 -10.55 5.07 -4.81
N ALA B 376 -10.52 6.32 -5.24
CA ALA B 376 -11.27 7.36 -4.58
C ALA B 376 -12.59 7.68 -5.29
N GLY B 377 -12.72 7.22 -6.53
CA GLY B 377 -13.91 7.54 -7.36
C GLY B 377 -15.00 6.46 -7.46
N ALA B 378 -14.72 5.25 -7.01
CA ALA B 378 -15.66 4.12 -7.13
C ALA B 378 -16.08 3.63 -5.77
N ASN B 379 -17.38 3.65 -5.47
CA ASN B 379 -17.83 3.17 -4.16
C ASN B 379 -18.53 1.84 -4.33
N SER B 380 -17.91 0.76 -3.85
N SER B 380 -17.90 0.76 -3.86
CA SER B 380 -18.52 -0.58 -4.00
CA SER B 380 -18.50 -0.58 -3.99
C SER B 380 -19.61 -0.88 -2.96
C SER B 380 -19.73 -0.77 -3.08
N ILE B 381 -19.85 0.03 -2.03
CA ILE B 381 -20.96 -0.13 -1.09
C ILE B 381 -22.28 0.35 -1.72
N SER B 382 -22.25 1.57 -2.27
CA SER B 382 -23.39 2.14 -2.98
C SER B 382 -23.46 1.71 -4.43
N GLY B 383 -22.32 1.39 -5.01
CA GLY B 383 -22.23 1.22 -6.47
C GLY B 383 -22.00 2.48 -7.29
N GLU B 384 -21.99 3.63 -6.62
CA GLU B 384 -21.73 4.87 -7.32
C GLU B 384 -20.29 5.04 -7.73
N PHE B 385 -20.07 5.56 -8.94
CA PHE B 385 -18.75 5.93 -9.40
C PHE B 385 -18.80 7.31 -10.03
N SER B 386 -17.68 8.03 -9.97
CA SER B 386 -17.44 9.30 -10.65
C SER B 386 -15.95 9.27 -11.02
N LEU B 387 -15.64 9.14 -12.31
CA LEU B 387 -14.29 8.76 -12.70
C LEU B 387 -13.82 9.63 -13.84
N PHE B 388 -12.56 10.03 -13.79
CA PHE B 388 -11.88 10.55 -14.94
C PHE B 388 -11.80 9.46 -16.00
N ALA B 389 -11.83 9.88 -17.27
CA ALA B 389 -11.80 8.94 -18.38
C ALA B 389 -11.09 9.50 -19.59
N LYS B 390 -10.70 8.60 -20.48
CA LYS B 390 -10.25 8.94 -21.83
C LYS B 390 -11.25 8.36 -22.84
N GLY B 391 -11.43 9.03 -23.95
CA GLY B 391 -12.39 8.53 -24.94
C GLY B 391 -12.48 9.31 -26.22
N TYR B 392 -13.46 8.93 -27.02
CA TYR B 392 -13.65 9.49 -28.33
C TYR B 392 -15.13 9.76 -28.57
N TRP B 393 -15.36 10.70 -29.46
CA TRP B 393 -16.66 10.96 -30.05
C TRP B 393 -16.85 10.10 -31.31
N VAL B 394 -18.08 9.58 -31.48
CA VAL B 394 -18.41 8.71 -32.61
C VAL B 394 -19.63 9.30 -33.32
N GLU B 395 -19.54 9.43 -34.62
CA GLU B 395 -20.63 9.94 -35.44
C GLU B 395 -20.64 9.06 -36.68
N ASN B 396 -21.83 8.69 -37.11
CA ASN B 396 -22.02 7.85 -38.27
C ASN B 396 -21.20 6.54 -38.19
N GLY B 397 -21.12 6.01 -36.96
CA GLY B 397 -20.48 4.72 -36.71
C GLY B 397 -18.98 4.77 -36.83
N GLU B 398 -18.39 5.98 -36.87
CA GLU B 398 -16.96 6.14 -36.98
C GLU B 398 -16.44 7.03 -35.86
N ILE B 399 -15.27 6.69 -35.35
CA ILE B 399 -14.57 7.60 -34.44
C ILE B 399 -14.21 8.86 -35.20
N ALA B 400 -14.38 10.01 -34.54
CA ALA B 400 -14.17 11.31 -35.15
C ALA B 400 -12.97 12.05 -34.53
N HIS B 401 -12.95 12.13 -33.19
CA HIS B 401 -11.89 12.82 -32.48
C HIS B 401 -11.94 12.38 -31.04
N GLY B 402 -10.79 12.45 -30.37
CA GLY B 402 -10.70 12.24 -28.96
C GLY B 402 -11.54 13.26 -28.23
N VAL B 403 -11.92 12.92 -27.01
CA VAL B 403 -12.72 13.81 -26.19
C VAL B 403 -11.96 14.21 -24.92
N GLU B 404 -11.75 15.49 -24.77
CA GLU B 404 -10.83 16.02 -23.79
C GLU B 404 -11.55 16.21 -22.45
N ASP B 405 -10.88 15.87 -21.36
CA ASP B 405 -11.33 16.20 -20.01
C ASP B 405 -12.66 15.54 -19.62
N ILE B 406 -12.92 14.36 -20.15
CA ILE B 406 -14.16 13.70 -19.91
C ILE B 406 -14.13 13.02 -18.51
N THR B 407 -15.25 13.10 -17.80
CA THR B 407 -15.53 12.34 -16.57
C THR B 407 -16.75 11.50 -16.91
N ILE B 408 -16.82 10.29 -16.35
CA ILE B 408 -18.07 9.51 -16.38
C ILE B 408 -18.58 9.22 -14.98
N SER B 409 -19.90 9.19 -14.84
CA SER B 409 -20.52 8.91 -13.55
C SER B 409 -21.73 8.05 -13.71
N GLY B 410 -22.08 7.36 -12.64
CA GLY B 410 -23.26 6.50 -12.63
C GLY B 410 -23.22 5.53 -11.47
N ASN B 411 -24.02 4.48 -11.60
CA ASN B 411 -24.08 3.39 -10.63
C ASN B 411 -23.70 2.10 -11.37
N PHE B 412 -22.78 1.30 -10.82
CA PHE B 412 -22.32 0.16 -11.56
C PHE B 412 -23.44 -0.85 -11.86
N LEU B 413 -24.38 -0.97 -10.94
CA LEU B 413 -25.53 -1.85 -11.17
C LEU B 413 -26.44 -1.33 -12.30
N ASP B 414 -26.63 -0.02 -12.37
N ASP B 414 -26.64 -0.02 -12.36
CA ASP B 414 -27.43 0.57 -13.44
CA ASP B 414 -27.42 0.59 -13.43
C ASP B 414 -26.68 0.40 -14.77
C ASP B 414 -26.68 0.34 -14.75
N LEU B 415 -25.36 0.48 -14.77
CA LEU B 415 -24.60 0.19 -15.95
C LEU B 415 -24.79 -1.26 -16.46
N LEU B 416 -24.80 -2.23 -15.54
CA LEU B 416 -25.05 -3.64 -15.89
C LEU B 416 -26.45 -3.86 -16.50
N ARG B 417 -27.44 -3.17 -15.94
CA ARG B 417 -28.78 -3.14 -16.49
C ARG B 417 -28.85 -2.58 -17.90
N LYS B 418 -27.95 -1.66 -18.20
CA LYS B 418 -27.94 -0.92 -19.44
C LYS B 418 -26.97 -1.43 -20.48
N ILE B 419 -26.34 -2.55 -20.23
CA ILE B 419 -25.48 -3.14 -21.24
C ILE B 419 -26.42 -3.88 -22.20
N VAL B 420 -26.54 -3.39 -23.43
CA VAL B 420 -27.49 -3.96 -24.36
C VAL B 420 -26.83 -4.89 -25.41
N LEU B 421 -25.53 -4.70 -25.67
CA LEU B 421 -24.75 -5.53 -26.58
C LEU B 421 -23.34 -5.75 -26.03
N VAL B 422 -22.87 -7.00 -26.14
CA VAL B 422 -21.56 -7.42 -25.65
C VAL B 422 -20.69 -7.88 -26.82
N GLY B 423 -19.47 -7.38 -26.86
CA GLY B 423 -18.54 -7.70 -27.92
C GLY B 423 -17.84 -9.04 -27.73
N ASN B 424 -16.97 -9.33 -28.69
CA ASN B 424 -16.25 -10.59 -28.71
C ASN B 424 -14.78 -10.34 -28.56
N ASP B 425 -14.40 -9.08 -28.31
CA ASP B 425 -12.97 -8.69 -28.18
C ASP B 425 -12.46 -8.80 -26.71
N VAL B 426 -12.33 -10.02 -26.22
CA VAL B 426 -12.04 -10.32 -24.85
C VAL B 426 -10.57 -10.04 -24.55
N LYS B 427 -10.31 -9.35 -23.46
CA LYS B 427 -8.95 -9.07 -23.00
C LYS B 427 -8.90 -9.48 -21.51
N VAL B 428 -7.71 -9.84 -21.05
CA VAL B 428 -7.53 -10.33 -19.68
C VAL B 428 -6.83 -9.25 -18.86
N SER B 429 -7.25 -9.09 -17.62
CA SER B 429 -6.51 -8.30 -16.68
C SER B 429 -6.10 -9.20 -15.51
N GLN B 430 -5.79 -8.62 -14.36
CA GLN B 430 -5.29 -9.45 -13.23
C GLN B 430 -6.34 -10.36 -12.64
N HIS B 431 -7.53 -9.84 -12.46
CA HIS B 431 -8.60 -10.58 -11.80
C HIS B 431 -9.91 -10.53 -12.59
N THR B 432 -9.90 -9.80 -13.71
CA THR B 432 -11.12 -9.58 -14.54
C THR B 432 -10.77 -9.89 -16.01
N ILE B 433 -11.77 -10.34 -16.75
CA ILE B 433 -11.70 -10.73 -18.15
C ILE B 433 -12.99 -10.22 -18.78
N ALA B 434 -12.86 -9.48 -19.86
CA ALA B 434 -14.01 -8.80 -20.46
C ALA B 434 -13.74 -8.37 -21.90
N PRO B 435 -14.80 -8.38 -22.73
CA PRO B 435 -14.80 -7.72 -23.99
C PRO B 435 -15.29 -6.29 -23.81
N SER B 436 -15.34 -5.52 -24.89
CA SER B 436 -16.09 -4.27 -24.92
C SER B 436 -17.64 -4.46 -24.87
N VAL B 437 -18.36 -3.42 -24.40
CA VAL B 437 -19.83 -3.44 -24.26
C VAL B 437 -20.43 -2.08 -24.69
N LEU B 438 -21.69 -2.13 -25.15
CA LEU B 438 -22.45 -0.96 -25.48
C LEU B 438 -23.47 -0.76 -24.35
N VAL B 439 -23.36 0.41 -23.72
CA VAL B 439 -24.21 0.86 -22.60
C VAL B 439 -25.19 1.87 -23.21
N GLU B 440 -26.48 1.55 -23.10
CA GLU B 440 -27.59 2.36 -23.66
C GLU B 440 -27.41 3.84 -23.42
N VAL B 441 -27.12 4.21 -22.18
CA VAL B 441 -26.92 5.63 -21.79
C VAL B 441 -26.11 5.77 -20.47
N LEU B 442 -25.18 6.70 -20.44
CA LEU B 442 -24.41 7.03 -19.20
C LEU B 442 -24.21 8.53 -19.12
N ASP B 443 -24.01 9.05 -17.92
CA ASP B 443 -23.76 10.47 -17.68
C ASP B 443 -22.30 10.79 -17.97
N VAL B 444 -22.06 11.78 -18.81
CA VAL B 444 -20.70 12.21 -19.19
C VAL B 444 -20.58 13.73 -18.93
N ALA B 445 -19.46 14.18 -18.35
CA ALA B 445 -19.25 15.57 -17.96
C ALA B 445 -17.88 16.08 -18.44
#